data_9IJR
#
_entry.id   9IJR
#
_cell.length_a   1.00
_cell.length_b   1.00
_cell.length_c   1.00
_cell.angle_alpha   90.00
_cell.angle_beta   90.00
_cell.angle_gamma   90.00
#
_symmetry.space_group_name_H-M   'P 1'
#
loop_
_entity.id
_entity.type
_entity.pdbx_description
1 polymer 'G-protein coupled receptor 52'
2 polymer Beta-arrestin-1
3 polymer 'scFv30 antibody'
4 non-polymer N-(2-hydroxyethyl)-5-(hydroxymethyl)-3-methyl-1-[2-[[3-(trifluoromethyl)phenyl]methyl]-1-benzothiophen-7-yl]pyrazole-4-carboxamide
#
loop_
_entity_poly.entity_id
_entity_poly.type
_entity_poly.pdbx_seq_one_letter_code
_entity_poly.pdbx_strand_id
1 'polypeptide(L)'
;MNESRWTEWRILNMSSGIVNVSERHSCPLGFGHYSVVDVCIFETVVIVLLTFLIIAGNLTVIFVFHCAPLLHHYTTSYFI
QTMAYADLFVGVSCLVPTLSLLHYSTGVHESLTCQVFGYIISVLKSVSMWCLACISVDRYLAITKPLSYNQLVTPCRLRI
CIILIWIYSCLIFLPSFFGWGKPGYHGDIFEWCATSWLTSAYFTGFIVCLLYAPAAFVVCFTYFHIFKICRQHTKEINDR
RARFPSHEVDSSRETGHSPDRRYAMVLFRITSVFYMLWLPYIIYFLLESSRVLDNPTLSFLTTWLAISNSFCNPVIYSLS
NSVFRLGLRRLSETMCTSCMARGRPLPETGGGDE(SEP)A(TPO)(TPO)A(SEP)(SEP)(SEP)LAKDTSS
;
A
2 'polypeptide(L)'
;FVQFCNKKTYKYSGLFIPSHHRARIRRAMGSPEFPGRLGDKGTRVFKKASPNGKLTVYLGKRDFVDHIDLVDPVDGVVLV
DPEYLKERRVYVTLTVAFRYGREDLDVLGLTFRKDLFVANVQSFPPAPEDKKPLTRLQERLIKKLGEHAYPFTFEIPPNL
PSSVTLQPGPEDTGKALGVDYEVKAFVAENLEEKIHKRNSVRLVIRKVQYAPERPGPQPTAETTRQFLMSDKPLHLEASL
DKEIYYHGEPISVNVHVTNNTNKTVKKIKISVRQYADIVLFNTAQYKVPVAMEEADDTVAPSSTFSKVYTLTPFLANNRE
KRGLALDGKLKHEDTNLASSTLLREGANREILGIIVSYKVKVKLVVSRGGLLGDLASSDVAVELPFTLMHPKP
;
C
3 'polypeptide(L)'
;MVSAIVLYVLLAAAAHSAFADVQLVESGGGLVQPGGSLRLSCAASGFNVYSSSIHWVRQAPGKGLEWVASISSYYGYTYY
ADSVKGRFTISADTSKNTAYLQMNSLRAEDTAVYYCARSRQFWYSGLDYWGQGTLVTVSSSGGGGSGGGGSGGGGSDIQM
TQSPSSLSASVGDRVTITCRASQSVSSAVAWYQQKPGKAPKLLIYSASSLYSGVPSRFSGSRSGTDFTLTISSLQPEDFA
TYYCQQYKYVPVTFGQGTKVEIKAAA
;
H
#
loop_
_chem_comp.id
_chem_comp.type
_chem_comp.name
_chem_comp.formula
EN6 non-polymer N-(2-hydroxyethyl)-5-(hydroxymethyl)-3-methyl-1-[2-[[3-(trifluoromethyl)phenyl]methyl]-1-benzothiophen-7-yl]pyrazole-4-carboxamide 'C24 H22 F3 N3 O3 S'
#
# COMPACT_ATOMS: atom_id res chain seq x y z
N PHE A 31 17.68 -55.88 -19.37
CA PHE A 31 17.76 -55.50 -17.97
C PHE A 31 17.04 -56.53 -17.09
N GLY A 32 17.20 -56.38 -15.78
CA GLY A 32 16.66 -57.38 -14.86
C GLY A 32 15.15 -57.32 -14.81
N HIS A 33 14.52 -58.51 -14.75
CA HIS A 33 13.08 -58.64 -14.69
C HIS A 33 12.70 -59.43 -13.45
N TYR A 34 11.61 -59.01 -12.80
CA TYR A 34 11.15 -59.57 -11.53
C TYR A 34 12.24 -59.54 -10.48
N SER A 35 12.94 -58.41 -10.41
CA SER A 35 14.12 -58.26 -9.55
C SER A 35 13.92 -57.25 -8.43
N VAL A 36 12.67 -56.95 -8.07
CA VAL A 36 12.43 -56.05 -6.96
C VAL A 36 12.92 -56.67 -5.65
N VAL A 37 12.77 -57.99 -5.52
CA VAL A 37 13.26 -58.69 -4.35
C VAL A 37 14.58 -59.41 -4.60
N ASP A 38 15.06 -59.45 -5.85
CA ASP A 38 16.28 -60.20 -6.14
C ASP A 38 17.54 -59.37 -5.85
N VAL A 39 17.77 -58.30 -6.61
CA VAL A 39 18.96 -57.48 -6.37
C VAL A 39 18.60 -56.00 -6.24
N CYS A 40 18.14 -55.41 -7.34
CA CYS A 40 17.96 -53.96 -7.45
C CYS A 40 17.37 -53.66 -8.82
N ILE A 41 17.01 -52.38 -9.01
CA ILE A 41 16.43 -51.88 -10.25
C ILE A 41 17.16 -50.60 -10.63
N PHE A 42 17.43 -50.42 -11.92
CA PHE A 42 18.29 -49.34 -12.39
C PHE A 42 17.54 -48.09 -12.79
N GLU A 43 16.32 -48.19 -13.31
CA GLU A 43 15.57 -47.00 -13.69
C GLU A 43 15.09 -46.20 -12.48
N THR A 44 15.29 -46.72 -11.27
CA THR A 44 15.07 -45.92 -10.08
C THR A 44 15.91 -44.65 -10.09
N VAL A 45 17.11 -44.72 -10.69
CA VAL A 45 17.93 -43.51 -10.82
C VAL A 45 17.25 -42.50 -11.74
N VAL A 46 16.68 -42.95 -12.85
CA VAL A 46 16.01 -42.05 -13.77
C VAL A 46 14.82 -41.38 -13.09
N ILE A 47 14.00 -42.19 -12.41
CA ILE A 47 12.83 -41.60 -11.79
C ILE A 47 13.20 -40.74 -10.58
N VAL A 48 14.31 -41.04 -9.91
CA VAL A 48 14.72 -40.16 -8.82
C VAL A 48 15.28 -38.85 -9.36
N LEU A 49 15.90 -38.88 -10.54
CA LEU A 49 16.28 -37.62 -11.19
C LEU A 49 15.05 -36.79 -11.52
N LEU A 50 14.01 -37.45 -12.03
CA LEU A 50 12.77 -36.73 -12.33
C LEU A 50 12.15 -36.14 -11.06
N THR A 51 12.14 -36.92 -9.97
CA THR A 51 11.59 -36.41 -8.72
C THR A 51 12.41 -35.25 -8.17
N PHE A 52 13.73 -35.34 -8.26
CA PHE A 52 14.57 -34.25 -7.78
C PHE A 52 14.33 -32.97 -8.57
N LEU A 53 14.21 -33.10 -9.90
CA LEU A 53 13.91 -31.92 -10.72
C LEU A 53 12.54 -31.33 -10.37
N ILE A 54 11.54 -32.19 -10.18
CA ILE A 54 10.19 -31.71 -9.87
C ILE A 54 10.18 -30.97 -8.54
N ILE A 55 10.79 -31.57 -7.51
CA ILE A 55 10.78 -30.94 -6.21
C ILE A 55 11.62 -29.67 -6.22
N ALA A 56 12.68 -29.62 -7.02
CA ALA A 56 13.49 -28.40 -7.08
C ALA A 56 12.72 -27.25 -7.71
N GLY A 57 12.09 -27.51 -8.87
CA GLY A 57 11.32 -26.46 -9.52
C GLY A 57 10.16 -25.99 -8.67
N ASN A 58 9.49 -26.92 -8.00
CA ASN A 58 8.34 -26.51 -7.20
C ASN A 58 8.78 -25.77 -5.94
N LEU A 59 9.90 -26.17 -5.34
CA LEU A 59 10.42 -25.42 -4.21
C LEU A 59 10.79 -24.00 -4.61
N THR A 60 11.42 -23.83 -5.77
CA THR A 60 11.82 -22.48 -6.14
C THR A 60 10.62 -21.62 -6.51
N VAL A 61 9.59 -22.20 -7.13
CA VAL A 61 8.40 -21.40 -7.43
C VAL A 61 7.65 -21.03 -6.15
N ILE A 62 7.50 -21.99 -5.23
CA ILE A 62 6.82 -21.70 -3.97
C ILE A 62 7.58 -20.65 -3.17
N PHE A 63 8.91 -20.75 -3.15
CA PHE A 63 9.71 -19.79 -2.39
C PHE A 63 9.68 -18.41 -3.03
N VAL A 64 9.65 -18.34 -4.36
CA VAL A 64 9.50 -17.04 -5.01
C VAL A 64 8.16 -16.42 -4.65
N PHE A 65 7.09 -17.21 -4.70
CA PHE A 65 5.77 -16.66 -4.41
C PHE A 65 5.48 -16.47 -2.93
N HIS A 66 6.31 -16.98 -2.04
CA HIS A 66 6.07 -16.80 -0.61
C HIS A 66 7.03 -15.84 0.05
N CYS A 67 8.28 -15.77 -0.39
CA CYS A 67 9.23 -14.83 0.18
C CYS A 67 9.07 -13.42 -0.39
N ALA A 68 8.43 -13.28 -1.56
CA ALA A 68 8.19 -11.98 -2.18
C ALA A 68 6.72 -11.90 -2.53
N PRO A 69 5.85 -11.68 -1.54
CA PRO A 69 4.40 -11.78 -1.79
C PRO A 69 3.89 -10.66 -2.67
N LEU A 70 3.57 -11.00 -3.92
CA LEU A 70 3.20 -10.01 -4.91
C LEU A 70 1.79 -10.20 -5.45
N LEU A 71 1.27 -11.43 -5.44
CA LEU A 71 -0.11 -11.73 -5.81
C LEU A 71 -0.40 -11.31 -7.25
N HIS A 72 0.58 -11.48 -8.13
CA HIS A 72 0.46 -10.94 -9.48
C HIS A 72 -0.63 -11.67 -10.26
N HIS A 73 -1.51 -10.90 -10.89
CA HIS A 73 -2.75 -11.41 -11.47
C HIS A 73 -3.50 -12.25 -10.44
N TYR A 74 -3.98 -11.54 -9.41
CA TYR A 74 -4.59 -12.11 -8.21
C TYR A 74 -5.48 -13.32 -8.49
N THR A 75 -6.26 -13.26 -9.57
CA THR A 75 -7.04 -14.42 -9.97
C THR A 75 -6.15 -15.61 -10.29
N THR A 76 -5.16 -15.42 -11.16
CA THR A 76 -4.28 -16.53 -11.50
C THR A 76 -3.29 -16.85 -10.40
N SER A 77 -3.16 -15.98 -9.40
CA SER A 77 -2.14 -16.19 -8.38
C SER A 77 -2.42 -17.43 -7.53
N TYR A 78 -3.64 -17.52 -6.98
CA TYR A 78 -3.96 -18.71 -6.19
C TYR A 78 -3.98 -19.96 -7.06
N PHE A 79 -4.42 -19.84 -8.31
CA PHE A 79 -4.42 -20.97 -9.22
C PHE A 79 -3.01 -21.53 -9.40
N ILE A 80 -2.06 -20.67 -9.77
CA ILE A 80 -0.73 -21.19 -10.07
C ILE A 80 -0.01 -21.59 -8.79
N GLN A 81 -0.32 -20.93 -7.66
CA GLN A 81 0.30 -21.36 -6.42
C GLN A 81 -0.20 -22.73 -5.98
N THR A 82 -1.50 -22.99 -6.13
CA THR A 82 -2.01 -24.31 -5.76
C THR A 82 -1.55 -25.36 -6.76
N MET A 83 -1.30 -24.98 -8.01
CA MET A 83 -0.75 -25.94 -8.95
C MET A 83 0.68 -26.31 -8.56
N ALA A 84 1.47 -25.31 -8.14
CA ALA A 84 2.80 -25.60 -7.64
C ALA A 84 2.76 -26.46 -6.39
N TYR A 85 1.81 -26.20 -5.48
CA TYR A 85 1.63 -27.04 -4.30
C TYR A 85 1.32 -28.48 -4.69
N ALA A 86 0.37 -28.66 -5.60
CA ALA A 86 -0.06 -30.00 -5.98
C ALA A 86 1.08 -30.76 -6.63
N ASP A 87 1.84 -30.10 -7.49
CA ASP A 87 2.93 -30.82 -8.13
C ASP A 87 4.10 -31.05 -7.18
N LEU A 88 4.30 -30.17 -6.18
CA LEU A 88 5.29 -30.48 -5.15
C LEU A 88 4.88 -31.74 -4.38
N PHE A 89 3.59 -31.84 -4.06
CA PHE A 89 3.11 -33.04 -3.40
C PHE A 89 3.28 -34.27 -4.28
N VAL A 90 3.06 -34.12 -5.59
CA VAL A 90 3.22 -35.28 -6.47
C VAL A 90 4.68 -35.68 -6.54
N GLY A 91 5.59 -34.70 -6.52
CA GLY A 91 7.00 -35.02 -6.50
C GLY A 91 7.42 -35.73 -5.24
N VAL A 92 6.92 -35.26 -4.09
CA VAL A 92 7.27 -35.90 -2.82
C VAL A 92 6.69 -37.31 -2.76
N SER A 93 5.44 -37.48 -3.16
CA SER A 93 4.78 -38.77 -3.00
C SER A 93 5.27 -39.79 -4.02
N CYS A 94 5.74 -39.35 -5.19
CA CYS A 94 6.36 -40.27 -6.13
C CYS A 94 7.87 -40.34 -5.96
N LEU A 95 8.45 -39.55 -5.07
CA LEU A 95 9.81 -39.76 -4.59
C LEU A 95 9.86 -40.66 -3.37
N VAL A 96 8.72 -40.86 -2.71
CA VAL A 96 8.62 -41.87 -1.66
C VAL A 96 9.08 -43.26 -2.13
N PRO A 97 8.70 -43.76 -3.32
CA PRO A 97 9.23 -45.07 -3.75
C PRO A 97 10.74 -45.13 -3.85
N THR A 98 11.39 -44.01 -4.21
CA THR A 98 12.85 -44.01 -4.38
C THR A 98 13.53 -44.47 -3.09
N LEU A 99 12.97 -44.12 -1.93
CA LEU A 99 13.47 -44.66 -0.68
C LEU A 99 12.79 -45.98 -0.36
N SER A 100 11.47 -45.96 -0.17
CA SER A 100 10.75 -47.13 0.30
C SER A 100 10.38 -48.09 -0.83
N LEU A 101 11.36 -48.35 -1.70
CA LEU A 101 11.33 -49.51 -2.57
C LEU A 101 12.47 -50.47 -2.27
N LEU A 102 13.60 -49.96 -1.78
CA LEU A 102 14.72 -50.81 -1.40
C LEU A 102 15.34 -50.38 -0.07
N HIS A 103 14.73 -49.44 0.65
CA HIS A 103 15.28 -49.04 1.94
C HIS A 103 15.19 -50.15 2.97
N TYR A 104 14.07 -50.88 2.99
CA TYR A 104 13.88 -51.96 3.94
C TYR A 104 13.54 -53.27 3.24
N SER A 105 13.13 -54.28 4.01
CA SER A 105 12.79 -55.59 3.46
C SER A 105 11.46 -55.48 2.72
N THR A 106 11.56 -55.01 1.47
CA THR A 106 10.39 -54.79 0.64
C THR A 106 9.73 -56.11 0.25
N GLY A 107 8.40 -56.10 0.16
CA GLY A 107 7.68 -57.27 -0.29
C GLY A 107 6.73 -57.88 0.72
N VAL A 108 6.11 -57.05 1.57
CA VAL A 108 5.22 -57.53 2.63
C VAL A 108 3.84 -56.89 2.56
N HIS A 109 3.78 -55.56 2.49
CA HIS A 109 2.51 -54.84 2.61
C HIS A 109 2.45 -53.69 1.61
N GLU A 110 2.80 -53.98 0.36
CA GLU A 110 2.78 -52.96 -0.70
C GLU A 110 1.41 -52.84 -1.37
N SER A 111 0.46 -53.72 -1.05
CA SER A 111 -0.80 -53.76 -1.75
C SER A 111 -1.60 -52.48 -1.57
N LEU A 112 -2.03 -52.20 -0.34
CA LEU A 112 -2.70 -50.94 -0.06
C LEU A 112 -1.78 -49.76 -0.31
N THR A 113 -0.47 -49.96 -0.11
CA THR A 113 0.50 -48.91 -0.42
C THR A 113 0.45 -48.55 -1.90
N CYS A 114 0.49 -49.55 -2.78
CA CYS A 114 0.39 -49.27 -4.21
C CYS A 114 -0.95 -48.63 -4.55
N GLN A 115 -2.04 -49.13 -3.98
CA GLN A 115 -3.35 -48.58 -4.30
C GLN A 115 -3.42 -47.11 -3.93
N VAL A 116 -3.09 -46.77 -2.68
CA VAL A 116 -3.19 -45.38 -2.25
C VAL A 116 -2.19 -44.51 -2.97
N PHE A 117 -1.02 -45.05 -3.32
CA PHE A 117 0.00 -44.24 -3.97
C PHE A 117 -0.40 -43.91 -5.40
N GLY A 118 -0.89 -44.90 -6.14
CA GLY A 118 -1.41 -44.63 -7.47
C GLY A 118 -2.57 -43.66 -7.43
N TYR A 119 -3.48 -43.83 -6.46
CA TYR A 119 -4.59 -42.90 -6.32
C TYR A 119 -4.12 -41.48 -6.08
N ILE A 120 -3.17 -41.29 -5.15
CA ILE A 120 -2.78 -39.94 -4.78
C ILE A 120 -2.00 -39.27 -5.91
N ILE A 121 -1.12 -40.02 -6.59
CA ILE A 121 -0.37 -39.40 -7.68
C ILE A 121 -1.31 -39.05 -8.84
N SER A 122 -2.29 -39.92 -9.12
CA SER A 122 -3.20 -39.63 -10.22
C SER A 122 -4.11 -38.45 -9.89
N VAL A 123 -4.57 -38.35 -8.63
CA VAL A 123 -5.38 -37.21 -8.22
C VAL A 123 -4.59 -35.92 -8.31
N LEU A 124 -3.33 -35.95 -7.87
CA LEU A 124 -2.51 -34.75 -7.94
C LEU A 124 -2.28 -34.31 -9.39
N LYS A 125 -2.03 -35.26 -10.28
CA LYS A 125 -1.84 -34.88 -11.67
C LYS A 125 -3.13 -34.37 -12.29
N SER A 126 -4.26 -34.97 -11.95
CA SER A 126 -5.55 -34.49 -12.44
C SER A 126 -5.81 -33.06 -11.97
N VAL A 127 -5.51 -32.78 -10.69
CA VAL A 127 -5.77 -31.43 -10.19
C VAL A 127 -4.81 -30.44 -10.83
N SER A 128 -3.57 -30.85 -11.11
CA SER A 128 -2.66 -29.96 -11.82
C SER A 128 -3.21 -29.62 -13.20
N MET A 129 -3.68 -30.62 -13.93
CA MET A 129 -4.15 -30.37 -15.29
C MET A 129 -5.42 -29.53 -15.29
N TRP A 130 -6.39 -29.90 -14.45
CA TRP A 130 -7.63 -29.14 -14.40
C TRP A 130 -7.40 -27.73 -13.87
N CYS A 131 -6.40 -27.55 -13.00
CA CYS A 131 -6.08 -26.20 -12.53
C CYS A 131 -5.48 -25.36 -13.64
N LEU A 132 -4.66 -25.96 -14.50
CA LEU A 132 -4.17 -25.21 -15.65
C LEU A 132 -5.30 -24.84 -16.59
N ALA A 133 -6.24 -25.77 -16.80
CA ALA A 133 -7.40 -25.46 -17.62
C ALA A 133 -8.22 -24.33 -17.02
N CYS A 134 -8.35 -24.33 -15.69
CA CYS A 134 -9.10 -23.27 -15.05
C CYS A 134 -8.36 -21.93 -15.11
N ILE A 135 -7.02 -21.96 -15.09
CA ILE A 135 -6.24 -20.75 -15.37
C ILE A 135 -6.62 -20.21 -16.74
N SER A 136 -6.65 -21.09 -17.73
CA SER A 136 -6.97 -20.65 -19.09
C SER A 136 -8.37 -20.09 -19.17
N VAL A 137 -9.34 -20.71 -18.49
CA VAL A 137 -10.71 -20.21 -18.62
C VAL A 137 -10.92 -18.96 -17.78
N ASP A 138 -10.17 -18.77 -16.70
CA ASP A 138 -10.35 -17.58 -15.89
C ASP A 138 -9.65 -16.39 -16.53
N ARG A 139 -8.35 -16.48 -16.75
CA ARG A 139 -7.65 -15.46 -17.52
C ARG A 139 -7.92 -15.68 -19.00
N TYR A 140 -9.19 -15.50 -19.36
CA TYR A 140 -9.60 -15.34 -20.75
C TYR A 140 -10.58 -14.18 -20.79
N LEU A 141 -11.27 -13.98 -19.67
CA LEU A 141 -12.18 -12.86 -19.53
C LEU A 141 -11.45 -11.52 -19.49
N ALA A 142 -10.16 -11.53 -19.15
CA ALA A 142 -9.37 -10.30 -19.17
C ALA A 142 -9.12 -9.81 -20.59
N ILE A 143 -9.41 -10.62 -21.59
CA ILE A 143 -9.27 -10.21 -22.98
C ILE A 143 -10.62 -9.80 -23.57
N THR A 144 -11.66 -10.59 -23.32
CA THR A 144 -12.97 -10.31 -23.90
C THR A 144 -13.80 -9.35 -23.05
N LYS A 145 -13.95 -9.63 -21.76
CA LYS A 145 -14.87 -8.89 -20.90
C LYS A 145 -14.14 -8.34 -19.68
N PRO A 146 -13.33 -7.29 -19.86
CA PRO A 146 -12.63 -6.67 -18.73
C PRO A 146 -13.40 -5.55 -18.06
N LEU A 147 -14.58 -5.19 -18.58
CA LEU A 147 -15.33 -4.06 -18.04
C LEU A 147 -15.93 -4.37 -16.66
N SER A 148 -16.16 -5.65 -16.35
CA SER A 148 -16.59 -6.04 -15.01
C SER A 148 -15.84 -7.27 -14.54
N TYR A 149 -14.58 -7.41 -14.96
CA TYR A 149 -13.78 -8.58 -14.62
C TYR A 149 -13.62 -8.73 -13.12
N ASN A 150 -13.40 -7.64 -12.41
CA ASN A 150 -13.24 -7.75 -10.96
C ASN A 150 -14.55 -8.07 -10.23
N GLN A 151 -15.64 -8.37 -10.94
CA GLN A 151 -16.91 -8.73 -10.33
C GLN A 151 -17.21 -10.22 -10.39
N LEU A 152 -16.84 -10.91 -11.48
CA LEU A 152 -17.11 -12.35 -11.55
C LEU A 152 -16.16 -13.15 -10.68
N VAL A 153 -14.89 -12.76 -10.62
CA VAL A 153 -13.86 -13.50 -9.91
C VAL A 153 -13.50 -12.76 -8.63
N THR A 154 -13.68 -13.43 -7.50
CA THR A 154 -13.36 -12.90 -6.17
C THR A 154 -12.45 -13.89 -5.45
N PRO A 155 -12.01 -13.57 -4.23
CA PRO A 155 -11.22 -14.57 -3.49
C PRO A 155 -12.05 -15.73 -2.98
N CYS A 156 -13.26 -15.47 -2.46
CA CYS A 156 -14.12 -16.56 -2.00
C CYS A 156 -14.54 -17.46 -3.14
N ARG A 157 -14.87 -16.88 -4.30
CA ARG A 157 -15.26 -17.68 -5.44
C ARG A 157 -14.13 -18.59 -5.91
N LEU A 158 -12.90 -18.08 -5.91
CA LEU A 158 -11.77 -18.89 -6.34
C LEU A 158 -11.44 -19.96 -5.30
N ARG A 159 -11.61 -19.65 -4.00
CA ARG A 159 -11.42 -20.68 -2.99
C ARG A 159 -12.45 -21.80 -3.16
N ILE A 160 -13.70 -21.43 -3.46
CA ILE A 160 -14.73 -22.44 -3.71
C ILE A 160 -14.39 -23.23 -4.97
N CYS A 161 -13.84 -22.57 -5.99
CA CYS A 161 -13.46 -23.26 -7.22
C CYS A 161 -12.33 -24.27 -6.96
N ILE A 162 -11.35 -23.91 -6.13
CA ILE A 162 -10.27 -24.83 -5.81
C ILE A 162 -10.79 -26.00 -4.99
N ILE A 163 -11.66 -25.74 -4.01
CA ILE A 163 -12.25 -26.83 -3.25
C ILE A 163 -13.04 -27.75 -4.17
N LEU A 164 -13.77 -27.16 -5.12
CA LEU A 164 -14.53 -27.97 -6.07
C LEU A 164 -13.62 -28.76 -6.99
N ILE A 165 -12.47 -28.20 -7.36
CA ILE A 165 -11.55 -28.92 -8.24
C ILE A 165 -10.95 -30.12 -7.52
N TRP A 166 -10.62 -29.97 -6.24
CA TRP A 166 -10.06 -31.10 -5.50
C TRP A 166 -11.12 -32.15 -5.22
N ILE A 167 -12.34 -31.72 -4.90
CA ILE A 167 -13.43 -32.66 -4.70
C ILE A 167 -13.74 -33.39 -5.99
N TYR A 168 -13.68 -32.69 -7.13
CA TYR A 168 -13.93 -33.33 -8.41
C TYR A 168 -12.87 -34.37 -8.73
N SER A 169 -11.60 -34.06 -8.49
CA SER A 169 -10.56 -35.04 -8.74
C SER A 169 -10.71 -36.25 -7.83
N CYS A 170 -10.99 -36.01 -6.54
CA CYS A 170 -11.16 -37.11 -5.61
C CYS A 170 -12.35 -37.99 -6.01
N LEU A 171 -13.47 -37.38 -6.39
CA LEU A 171 -14.65 -38.15 -6.75
C LEU A 171 -14.48 -38.87 -8.08
N ILE A 172 -13.72 -38.30 -9.02
CA ILE A 172 -13.55 -38.98 -10.28
C ILE A 172 -12.55 -40.12 -10.16
N PHE A 173 -11.62 -40.05 -9.21
CA PHE A 173 -10.66 -41.13 -9.03
C PHE A 173 -11.00 -42.06 -7.87
N LEU A 174 -12.11 -41.81 -7.18
CA LEU A 174 -12.62 -42.77 -6.20
C LEU A 174 -12.85 -44.18 -6.75
N PRO A 175 -13.37 -44.40 -7.96
CA PRO A 175 -13.52 -45.78 -8.44
C PRO A 175 -12.20 -46.53 -8.57
N SER A 176 -11.07 -45.82 -8.65
CA SER A 176 -9.77 -46.49 -8.68
C SER A 176 -9.52 -47.24 -7.37
N PHE A 177 -9.76 -46.59 -6.24
CA PHE A 177 -9.66 -47.26 -4.96
C PHE A 177 -10.86 -48.15 -4.66
N PHE A 178 -11.98 -47.93 -5.36
CA PHE A 178 -13.17 -48.75 -5.13
C PHE A 178 -13.03 -50.15 -5.71
N GLY A 179 -12.03 -50.40 -6.56
CA GLY A 179 -11.79 -51.72 -7.10
C GLY A 179 -12.21 -51.94 -8.54
N TRP A 180 -12.55 -50.89 -9.27
CA TRP A 180 -12.96 -51.00 -10.66
C TRP A 180 -11.78 -51.00 -11.63
N GLY A 181 -10.57 -50.79 -11.15
CA GLY A 181 -9.39 -50.78 -11.99
C GLY A 181 -8.37 -49.79 -11.47
N LYS A 182 -7.22 -49.75 -12.18
CA LYS A 182 -6.16 -48.81 -11.82
C LYS A 182 -6.13 -47.63 -12.79
N PRO A 183 -5.88 -46.42 -12.28
CA PRO A 183 -6.01 -45.20 -13.06
C PRO A 183 -4.74 -44.78 -13.78
N GLY A 184 -4.48 -45.46 -14.89
CA GLY A 184 -3.29 -45.18 -15.66
C GLY A 184 -2.08 -45.92 -15.13
N TYR A 185 -0.94 -45.61 -15.71
CA TYR A 185 0.31 -46.30 -15.42
C TYR A 185 1.19 -45.51 -14.45
N HIS A 186 0.57 -44.79 -13.51
CA HIS A 186 1.35 -44.01 -12.56
C HIS A 186 1.97 -44.87 -11.48
N GLY A 187 1.29 -45.94 -11.09
CA GLY A 187 1.74 -46.74 -9.96
C GLY A 187 2.14 -48.15 -10.31
N ASP A 188 2.86 -48.33 -11.41
CA ASP A 188 3.33 -49.65 -11.81
C ASP A 188 4.69 -50.00 -11.21
N ILE A 189 5.24 -49.14 -10.33
CA ILE A 189 6.56 -49.41 -9.79
C ILE A 189 6.56 -50.59 -8.83
N PHE A 190 5.41 -50.99 -8.32
CA PHE A 190 5.34 -52.07 -7.35
C PHE A 190 5.18 -53.41 -8.06
N GLU A 191 4.82 -54.45 -7.29
CA GLU A 191 4.75 -55.81 -7.82
C GLU A 191 3.36 -56.17 -8.31
N TRP A 192 2.35 -56.11 -7.42
CA TRP A 192 1.01 -56.56 -7.79
C TRP A 192 0.46 -55.69 -8.91
N CYS A 193 0.58 -54.37 -8.78
CA CYS A 193 0.07 -53.44 -9.75
C CYS A 193 0.99 -53.24 -10.94
N ALA A 194 1.88 -54.19 -11.19
CA ALA A 194 2.66 -54.23 -12.42
C ALA A 194 2.47 -55.58 -13.10
N THR A 195 2.34 -56.64 -12.30
CA THR A 195 2.20 -57.98 -12.84
C THR A 195 0.80 -58.56 -12.73
N SER A 196 -0.02 -58.09 -11.80
CA SER A 196 -1.34 -58.66 -11.59
C SER A 196 -2.49 -57.71 -11.90
N TRP A 197 -2.37 -56.44 -11.55
CA TRP A 197 -3.45 -55.49 -11.79
C TRP A 197 -3.57 -55.17 -13.27
N LEU A 198 -4.82 -55.00 -13.73
CA LEU A 198 -5.08 -54.65 -15.11
C LEU A 198 -6.13 -53.54 -15.15
N THR A 199 -6.00 -52.67 -16.15
CA THR A 199 -6.94 -51.58 -16.34
C THR A 199 -8.25 -52.10 -16.93
N SER A 200 -9.28 -51.26 -16.82
CA SER A 200 -10.60 -51.56 -17.36
C SER A 200 -10.91 -50.57 -18.48
N ALA A 201 -11.43 -51.09 -19.60
CA ALA A 201 -11.85 -50.21 -20.68
C ALA A 201 -12.96 -49.29 -20.22
N TYR A 202 -13.87 -49.80 -19.39
CA TYR A 202 -14.91 -48.96 -18.78
C TYR A 202 -14.32 -47.94 -17.83
N PHE A 203 -13.07 -48.09 -17.41
CA PHE A 203 -12.40 -47.10 -16.58
C PHE A 203 -11.62 -46.09 -17.41
N THR A 204 -10.88 -46.54 -18.43
CA THR A 204 -10.17 -45.59 -19.27
C THR A 204 -11.13 -44.71 -20.06
N GLY A 205 -12.27 -45.27 -20.49
CA GLY A 205 -13.28 -44.45 -21.12
C GLY A 205 -13.82 -43.39 -20.18
N PHE A 206 -14.04 -43.77 -18.91
CA PHE A 206 -14.51 -42.81 -17.92
C PHE A 206 -13.50 -41.68 -17.71
N ILE A 207 -12.24 -42.05 -17.47
CA ILE A 207 -11.23 -41.05 -17.16
C ILE A 207 -11.00 -40.13 -18.35
N VAL A 208 -11.02 -40.69 -19.56
CA VAL A 208 -10.90 -39.84 -20.75
C VAL A 208 -12.14 -38.95 -20.89
N CYS A 209 -13.32 -39.49 -20.62
CA CYS A 209 -14.55 -38.79 -20.96
C CYS A 209 -14.84 -37.64 -20.01
N LEU A 210 -14.50 -37.76 -18.73
CA LEU A 210 -14.82 -36.68 -17.81
C LEU A 210 -13.60 -36.03 -17.15
N LEU A 211 -12.39 -36.28 -17.62
CA LEU A 211 -11.28 -35.51 -17.07
C LEU A 211 -10.41 -34.93 -18.18
N TYR A 212 -10.19 -35.70 -19.25
CA TYR A 212 -9.26 -35.31 -20.30
C TYR A 212 -9.95 -34.71 -21.51
N ALA A 213 -11.01 -35.33 -22.01
CA ALA A 213 -11.78 -34.73 -23.09
C ALA A 213 -12.37 -33.38 -22.73
N PRO A 214 -12.99 -33.18 -21.55
CA PRO A 214 -13.41 -31.81 -21.20
C PRO A 214 -12.25 -30.85 -21.06
N ALA A 215 -11.08 -31.34 -20.65
CA ALA A 215 -9.89 -30.48 -20.58
C ALA A 215 -9.48 -30.00 -21.96
N ALA A 216 -9.45 -30.91 -22.93
CA ALA A 216 -9.16 -30.52 -24.30
C ALA A 216 -10.21 -29.55 -24.81
N PHE A 217 -11.48 -29.80 -24.47
CA PHE A 217 -12.56 -28.92 -24.92
C PHE A 217 -12.38 -27.50 -24.36
N VAL A 218 -12.08 -27.40 -23.06
CA VAL A 218 -11.93 -26.09 -22.43
C VAL A 218 -10.73 -25.36 -23.00
N VAL A 219 -9.60 -26.06 -23.13
CA VAL A 219 -8.41 -25.39 -23.64
C VAL A 219 -8.61 -24.95 -25.10
N CYS A 220 -9.25 -25.78 -25.91
CA CYS A 220 -9.51 -25.39 -27.29
C CYS A 220 -10.45 -24.19 -27.36
N PHE A 221 -11.60 -24.28 -26.70
CA PHE A 221 -12.61 -23.23 -26.79
C PHE A 221 -12.17 -21.94 -26.10
N THR A 222 -11.14 -21.99 -25.28
CA THR A 222 -10.59 -20.76 -24.73
C THR A 222 -9.47 -20.20 -25.59
N TYR A 223 -8.47 -21.03 -25.93
CA TYR A 223 -7.30 -20.51 -26.60
C TYR A 223 -7.57 -20.18 -28.07
N PHE A 224 -8.53 -20.82 -28.72
CA PHE A 224 -8.89 -20.39 -30.07
C PHE A 224 -9.46 -18.98 -30.06
N HIS A 225 -10.36 -18.71 -29.11
CA HIS A 225 -10.89 -17.36 -28.96
C HIS A 225 -9.78 -16.37 -28.59
N ILE A 226 -8.84 -16.81 -27.75
CA ILE A 226 -7.73 -15.93 -27.39
C ILE A 226 -6.90 -15.60 -28.63
N PHE A 227 -6.54 -16.62 -29.41
CA PHE A 227 -5.70 -16.42 -30.59
C PHE A 227 -6.42 -15.61 -31.67
N LYS A 228 -7.76 -15.63 -31.67
CA LYS A 228 -8.48 -14.74 -32.57
C LYS A 228 -8.35 -13.27 -32.17
N ILE A 229 -7.94 -13.00 -30.94
CA ILE A 229 -7.81 -11.63 -30.46
C ILE A 229 -6.35 -11.20 -30.27
N CYS A 230 -5.39 -12.13 -30.24
CA CYS A 230 -3.99 -11.73 -30.22
C CYS A 230 -3.58 -10.97 -31.47
N ARG A 231 -4.33 -11.12 -32.57
CA ARG A 231 -4.13 -10.26 -33.73
C ARG A 231 -4.45 -8.82 -33.36
N GLN A 232 -3.53 -7.92 -33.70
CA GLN A 232 -3.66 -6.52 -33.32
C GLN A 232 -4.72 -5.83 -34.17
N HIS A 233 -5.25 -4.73 -33.63
CA HIS A 233 -6.18 -3.90 -34.40
C HIS A 233 -5.50 -3.16 -35.54
N THR A 234 -4.17 -3.07 -35.52
CA THR A 234 -3.42 -2.44 -36.60
C THR A 234 -3.46 -3.31 -37.85
N HIS A 257 -3.63 -6.27 -25.50
CA HIS A 257 -2.27 -5.79 -25.63
C HIS A 257 -1.86 -5.03 -24.36
N SER A 258 -1.65 -5.79 -23.28
CA SER A 258 -1.33 -5.27 -21.97
C SER A 258 -0.47 -6.29 -21.23
N PRO A 259 -0.01 -5.99 -20.01
CA PRO A 259 0.52 -7.08 -19.17
C PRO A 259 -0.44 -8.24 -19.02
N ASP A 260 -1.75 -7.97 -19.05
CA ASP A 260 -2.73 -9.05 -19.11
C ASP A 260 -2.60 -9.84 -20.42
N ARG A 261 -2.13 -9.20 -21.49
CA ARG A 261 -1.92 -9.91 -22.74
C ARG A 261 -0.52 -10.51 -22.84
N ARG A 262 0.51 -9.81 -22.34
CA ARG A 262 1.86 -10.36 -22.41
C ARG A 262 2.03 -11.63 -21.60
N TYR A 263 1.08 -11.97 -20.71
CA TYR A 263 1.11 -13.29 -20.09
C TYR A 263 0.74 -14.41 -21.06
N ALA A 264 0.15 -14.09 -22.21
CA ALA A 264 -0.21 -15.14 -23.15
C ALA A 264 1.03 -15.75 -23.79
N MET A 265 2.06 -14.95 -24.02
CA MET A 265 3.30 -15.44 -24.61
C MET A 265 3.99 -16.47 -23.73
N VAL A 266 3.63 -16.56 -22.45
CA VAL A 266 4.15 -17.60 -21.58
C VAL A 266 3.10 -18.65 -21.22
N LEU A 267 1.81 -18.29 -21.16
CA LEU A 267 0.80 -19.28 -20.82
C LEU A 267 0.52 -20.21 -22.00
N PHE A 268 0.52 -19.68 -23.22
CA PHE A 268 0.42 -20.54 -24.38
C PHE A 268 1.62 -21.48 -24.45
N ARG A 269 2.80 -20.98 -24.12
CA ARG A 269 3.97 -21.85 -24.06
C ARG A 269 3.79 -22.95 -23.02
N ILE A 270 3.29 -22.58 -21.84
CA ILE A 270 3.11 -23.55 -20.76
C ILE A 270 2.14 -24.64 -21.18
N THR A 271 0.98 -24.26 -21.70
CA THR A 271 -0.03 -25.25 -22.06
C THR A 271 0.41 -26.06 -23.27
N SER A 272 1.13 -25.45 -24.20
CA SER A 272 1.60 -26.18 -25.37
C SER A 272 2.61 -27.26 -24.98
N VAL A 273 3.56 -26.93 -24.09
CA VAL A 273 4.49 -27.97 -23.69
C VAL A 273 3.78 -29.00 -22.82
N PHE A 274 2.80 -28.57 -22.03
CA PHE A 274 2.06 -29.50 -21.20
C PHE A 274 1.32 -30.53 -22.06
N TYR A 275 0.71 -30.08 -23.15
CA TYR A 275 0.05 -31.03 -24.04
C TYR A 275 1.04 -31.82 -24.88
N MET A 276 2.20 -31.25 -25.18
CA MET A 276 3.23 -32.03 -25.88
C MET A 276 3.67 -33.20 -25.01
N LEU A 277 3.86 -32.98 -23.71
CA LEU A 277 4.23 -34.05 -22.81
C LEU A 277 3.04 -34.87 -22.31
N TRP A 278 1.82 -34.41 -22.55
CA TRP A 278 0.62 -35.13 -22.18
C TRP A 278 0.06 -36.00 -23.30
N LEU A 279 0.44 -35.71 -24.54
CA LEU A 279 -0.05 -36.48 -25.68
C LEU A 279 0.21 -37.97 -25.55
N PRO A 280 1.43 -38.45 -25.22
CA PRO A 280 1.60 -39.90 -25.12
C PRO A 280 1.21 -40.45 -23.77
N TYR A 281 0.07 -39.99 -23.25
CA TYR A 281 -0.55 -40.67 -22.13
C TYR A 281 -1.99 -41.05 -22.39
N ILE A 282 -2.77 -40.16 -23.01
CA ILE A 282 -4.16 -40.49 -23.32
C ILE A 282 -4.23 -41.58 -24.37
N ILE A 283 -3.34 -41.53 -25.38
CA ILE A 283 -3.33 -42.55 -26.41
C ILE A 283 -2.96 -43.90 -25.81
N TYR A 284 -1.98 -43.92 -24.91
CA TYR A 284 -1.58 -45.18 -24.30
C TYR A 284 -2.64 -45.70 -23.35
N PHE A 285 -3.33 -44.81 -22.64
CA PHE A 285 -4.44 -45.24 -21.79
C PHE A 285 -5.57 -45.83 -22.61
N LEU A 286 -5.90 -45.22 -23.74
CA LEU A 286 -6.96 -45.73 -24.59
C LEU A 286 -6.52 -46.96 -25.38
N LEU A 287 -5.22 -47.20 -25.50
CA LEU A 287 -4.72 -48.30 -26.31
C LEU A 287 -4.57 -49.59 -25.51
N GLU A 288 -3.76 -49.56 -24.45
CA GLU A 288 -3.48 -50.78 -23.70
C GLU A 288 -4.73 -51.30 -22.99
N SER A 289 -5.55 -50.39 -22.45
CA SER A 289 -6.77 -50.83 -21.77
C SER A 289 -7.78 -51.40 -22.74
N SER A 290 -7.69 -51.05 -24.03
CA SER A 290 -8.55 -51.63 -25.05
C SER A 290 -7.93 -52.88 -25.67
N ARG A 291 -6.79 -53.34 -25.17
CA ARG A 291 -6.13 -54.57 -25.60
C ARG A 291 -5.77 -54.53 -27.09
N VAL A 292 -4.94 -53.55 -27.44
CA VAL A 292 -4.39 -53.45 -28.78
C VAL A 292 -2.87 -53.53 -28.80
N LEU A 293 -2.22 -53.18 -27.68
CA LEU A 293 -0.76 -53.22 -27.58
C LEU A 293 -0.37 -53.08 -26.11
N ASP A 294 0.85 -53.51 -25.80
CA ASP A 294 1.38 -53.36 -24.45
C ASP A 294 2.90 -53.46 -24.52
N ASN A 295 3.58 -52.37 -24.23
CA ASN A 295 5.04 -52.34 -24.24
C ASN A 295 5.57 -51.83 -22.90
N PRO A 296 6.22 -52.68 -22.09
CA PRO A 296 6.86 -52.24 -20.85
C PRO A 296 7.71 -50.98 -20.96
N THR A 297 8.72 -51.01 -21.84
CA THR A 297 9.64 -49.88 -21.95
C THR A 297 8.94 -48.63 -22.47
N LEU A 298 8.05 -48.79 -23.45
CA LEU A 298 7.32 -47.63 -23.96
C LEU A 298 6.40 -47.05 -22.89
N SER A 299 5.74 -47.91 -22.10
CA SER A 299 4.93 -47.42 -21.00
C SER A 299 5.77 -46.67 -19.99
N PHE A 300 6.97 -47.17 -19.69
CA PHE A 300 7.85 -46.49 -18.76
C PHE A 300 8.24 -45.11 -19.28
N LEU A 301 8.64 -45.04 -20.55
CA LEU A 301 9.06 -43.76 -21.12
C LEU A 301 7.90 -42.77 -21.14
N THR A 302 6.72 -43.22 -21.54
CA THR A 302 5.57 -42.32 -21.61
C THR A 302 5.16 -41.82 -20.24
N THR A 303 5.10 -42.73 -19.25
CA THR A 303 4.74 -42.32 -17.90
C THR A 303 5.79 -41.38 -17.32
N TRP A 304 7.07 -41.65 -17.59
CA TRP A 304 8.13 -40.78 -17.11
C TRP A 304 8.00 -39.38 -17.71
N LEU A 305 7.69 -39.30 -19.01
CA LEU A 305 7.46 -37.99 -19.61
C LEU A 305 6.26 -37.30 -18.98
N ALA A 306 5.19 -38.05 -18.73
CA ALA A 306 3.97 -37.46 -18.20
C ALA A 306 4.06 -37.09 -16.73
N ILE A 307 5.06 -37.57 -16.00
CA ILE A 307 5.23 -37.12 -14.62
C ILE A 307 6.26 -36.00 -14.63
N SER A 308 7.26 -36.10 -15.51
CA SER A 308 8.25 -35.04 -15.65
C SER A 308 7.68 -33.79 -16.29
N ASN A 309 6.46 -33.86 -16.82
CA ASN A 309 5.78 -32.64 -17.25
C ASN A 309 5.71 -31.63 -16.12
N SER A 310 5.44 -32.09 -14.90
CA SER A 310 5.32 -31.21 -13.76
C SER A 310 6.67 -30.85 -13.16
N PHE A 311 7.75 -31.37 -13.71
CA PHE A 311 9.10 -30.91 -13.40
C PHE A 311 9.58 -29.86 -14.40
N CYS A 312 9.25 -30.08 -15.67
CA CYS A 312 9.62 -29.12 -16.71
C CYS A 312 8.74 -27.88 -16.69
N ASN A 313 7.48 -28.01 -16.26
CA ASN A 313 6.56 -26.87 -16.27
C ASN A 313 6.98 -25.75 -15.32
N PRO A 314 7.22 -25.96 -14.01
CA PRO A 314 7.59 -24.83 -13.17
C PRO A 314 8.93 -24.22 -13.53
N VAL A 315 9.85 -25.03 -14.03
CA VAL A 315 11.16 -24.51 -14.44
C VAL A 315 11.01 -23.50 -15.56
N ILE A 316 10.23 -23.85 -16.59
CA ILE A 316 10.06 -22.90 -17.68
C ILE A 316 9.08 -21.78 -17.33
N TYR A 317 8.22 -21.97 -16.33
CA TYR A 317 7.40 -20.85 -15.89
C TYR A 317 8.26 -19.80 -15.20
N SER A 318 9.13 -20.25 -14.28
CA SER A 318 10.03 -19.32 -13.63
C SER A 318 11.02 -18.73 -14.63
N LEU A 319 11.40 -19.49 -15.64
CA LEU A 319 12.26 -18.97 -16.70
C LEU A 319 11.51 -18.05 -17.66
N SER A 320 10.19 -17.97 -17.55
CA SER A 320 9.40 -17.12 -18.45
C SER A 320 9.16 -15.73 -17.86
N ASN A 321 8.51 -15.67 -16.70
CA ASN A 321 8.17 -14.39 -16.09
C ASN A 321 9.38 -13.77 -15.42
N SER A 322 9.43 -12.44 -15.42
CA SER A 322 10.63 -11.72 -15.05
C SER A 322 10.79 -11.50 -13.55
N VAL A 323 9.83 -11.91 -12.72
CA VAL A 323 10.03 -11.83 -11.28
C VAL A 323 11.13 -12.80 -10.86
N PHE A 324 11.21 -13.96 -11.52
CA PHE A 324 12.28 -14.91 -11.28
C PHE A 324 13.46 -14.73 -12.24
N ARG A 325 13.21 -14.17 -13.42
CA ARG A 325 14.30 -13.90 -14.36
C ARG A 325 15.23 -12.84 -13.81
N LEU A 326 14.68 -11.81 -13.16
CA LEU A 326 15.52 -10.82 -12.49
C LEU A 326 16.29 -11.46 -11.34
N GLY A 327 15.77 -12.53 -10.76
CA GLY A 327 16.46 -13.27 -9.72
C GLY A 327 17.54 -14.21 -10.22
N LEU A 328 17.71 -14.33 -11.53
CA LEU A 328 18.76 -15.14 -12.11
C LEU A 328 19.72 -14.33 -12.95
N ARG A 329 19.20 -13.49 -13.86
CA ARG A 329 20.07 -12.71 -14.74
C ARG A 329 20.91 -11.71 -13.97
N ARG A 330 20.46 -11.28 -12.79
CA ARG A 330 21.24 -10.39 -11.93
C ARG A 330 22.01 -11.13 -10.85
N LEU A 331 21.53 -12.30 -10.42
CA LEU A 331 22.18 -13.07 -9.36
C LEU A 331 23.27 -13.99 -9.87
N SER A 332 23.34 -14.24 -11.19
CA SER A 332 24.39 -15.12 -11.72
C SER A 332 25.77 -14.48 -11.65
N GLU A 333 25.86 -13.17 -11.42
CA GLU A 333 27.16 -12.54 -11.28
C GLU A 333 27.91 -13.06 -10.06
N THR A 334 27.21 -13.23 -8.95
CA THR A 334 27.82 -13.73 -7.73
C THR A 334 27.28 -15.10 -7.35
N GLU A 354 25.75 6.01 9.35
CA GLU A 354 26.33 6.02 8.02
C GLU A 354 25.92 7.28 7.26
N SEP A 355 24.91 7.97 7.76
CA SEP A 355 24.47 9.22 7.16
CB SEP A 355 23.07 9.08 6.56
OG SEP A 355 22.99 7.98 5.68
C SEP A 355 24.49 10.34 8.19
O SEP A 355 24.82 10.12 9.34
P SEP A 355 21.44 7.59 5.49
O1P SEP A 355 21.32 6.26 4.60
O2P SEP A 355 20.66 8.79 4.76
O3P SEP A 355 20.78 7.34 6.94
N ALA A 356 24.12 11.55 7.76
CA ALA A 356 24.04 12.68 8.67
C ALA A 356 22.58 13.07 8.91
N TPO A 357 22.38 14.26 9.48
CA TPO A 357 21.04 14.77 9.68
CB TPO A 357 20.91 15.36 11.08
C TPO A 357 20.70 15.80 8.62
O TPO A 357 21.51 16.69 8.35
N TPO A 358 19.53 15.68 8.01
CA TPO A 358 19.10 16.59 6.95
CB TPO A 358 17.95 15.99 6.17
CG2 TPO A 358 17.67 16.87 4.96
OG1 TPO A 358 18.31 14.68 5.72
P TPO A 358 17.02 13.73 5.83
O1P TPO A 358 15.94 14.21 4.95
O2P TPO A 358 17.43 12.24 5.35
O3P TPO A 358 16.50 13.68 7.34
C TPO A 358 18.73 17.95 7.52
O TPO A 358 17.57 18.21 7.84
N ALA A 359 19.73 18.81 7.64
CA ALA A 359 19.53 20.14 8.20
C ALA A 359 19.41 21.18 7.09
N SEP A 360 18.72 22.28 7.37
CA SEP A 360 18.50 23.31 6.37
CB SEP A 360 17.12 23.93 6.53
OG SEP A 360 16.99 24.57 7.78
C SEP A 360 19.57 24.39 6.45
O SEP A 360 20.43 24.35 7.33
P SEP A 360 15.50 24.33 8.34
O1P SEP A 360 14.48 24.24 7.11
O2P SEP A 360 15.09 25.56 9.29
O3P SEP A 360 15.47 22.96 9.17
N SEP A 361 19.52 25.35 5.54
CA SEP A 361 20.47 26.46 5.55
CB SEP A 361 21.46 26.34 4.39
OG SEP A 361 22.33 27.44 4.37
C SEP A 361 19.77 27.80 5.49
O SEP A 361 18.71 27.99 6.08
P SEP A 361 23.81 26.99 4.85
O1P SEP A 361 24.44 26.00 3.76
O2P SEP A 361 24.73 28.29 5.01
O3P SEP A 361 23.69 26.23 6.26
N SEP A 362 20.37 28.74 4.76
CA SEP A 362 19.82 30.09 4.67
CB SEP A 362 20.37 30.98 5.78
OG SEP A 362 21.72 31.34 5.51
C SEP A 362 20.12 30.71 3.31
O SEP A 362 21.25 31.10 3.03
P SEP A 362 22.65 31.01 6.78
O1P SEP A 362 24.10 31.65 6.57
O2P SEP A 362 22.78 29.41 6.93
O3P SEP A 362 21.97 31.62 8.11
N LEU A 363 19.10 30.82 2.47
CA LEU A 363 19.25 31.46 1.17
C LEU A 363 18.71 32.88 1.24
N ALA A 364 19.52 33.83 0.77
CA ALA A 364 19.11 35.23 0.79
C ALA A 364 18.03 35.48 -0.24
N LYS A 365 16.97 36.18 0.16
CA LYS A 365 15.84 36.47 -0.71
C LYS A 365 16.21 37.63 -1.64
N ASP A 366 15.25 38.08 -2.43
CA ASP A 366 15.48 39.19 -3.35
C ASP A 366 15.58 40.52 -2.61
N THR B 43 15.49 32.02 1.89
CA THR B 43 14.42 31.41 2.67
C THR B 43 14.91 30.18 3.42
N ARG B 44 14.78 29.01 2.79
CA ARG B 44 15.23 27.77 3.39
C ARG B 44 15.58 26.79 2.28
N VAL B 45 16.71 26.10 2.44
CA VAL B 45 17.17 25.11 1.47
C VAL B 45 17.70 23.91 2.25
N PHE B 46 17.34 22.71 1.81
CA PHE B 46 17.73 21.51 2.51
C PHE B 46 19.16 21.10 2.16
N LYS B 47 19.88 20.59 3.16
CA LYS B 47 21.26 20.17 3.01
C LYS B 47 21.43 18.80 3.63
N LYS B 48 22.11 17.90 2.92
CA LYS B 48 22.28 16.53 3.38
C LYS B 48 23.72 16.20 3.76
N ALA B 49 24.67 16.51 2.89
CA ALA B 49 26.12 16.34 3.10
C ALA B 49 26.53 14.86 3.15
N SER B 50 27.76 14.57 2.70
CA SER B 50 28.29 13.22 2.73
C SER B 50 28.75 12.86 4.13
N PRO B 51 28.73 11.56 4.47
CA PRO B 51 29.28 11.15 5.78
C PRO B 51 30.73 11.53 5.95
N ASN B 52 31.52 11.47 4.88
CA ASN B 52 32.90 11.92 4.96
C ASN B 52 32.98 13.41 5.23
N GLY B 53 32.08 14.18 4.62
CA GLY B 53 32.07 15.61 4.82
C GLY B 53 32.54 16.36 3.59
N LYS B 54 32.51 15.70 2.44
CA LYS B 54 32.97 16.28 1.19
C LYS B 54 31.85 16.56 0.21
N LEU B 55 30.94 15.61 0.00
CA LEU B 55 29.90 15.71 -1.03
C LEU B 55 28.63 16.22 -0.37
N THR B 56 28.26 17.46 -0.67
CA THR B 56 27.09 18.10 -0.09
C THR B 56 26.15 18.49 -1.21
N VAL B 57 24.88 18.07 -1.11
CA VAL B 57 23.87 18.33 -2.12
C VAL B 57 22.79 19.20 -1.53
N TYR B 58 22.46 20.29 -2.22
CA TYR B 58 21.36 21.17 -1.84
C TYR B 58 20.15 20.85 -2.70
N LEU B 59 18.98 21.23 -2.20
CA LEU B 59 17.74 20.95 -2.93
C LEU B 59 16.68 21.95 -2.47
N GLY B 60 15.89 22.44 -3.42
CA GLY B 60 14.90 23.45 -3.13
C GLY B 60 13.74 22.97 -2.29
N LYS B 61 12.92 22.08 -2.83
CA LYS B 61 11.73 21.60 -2.14
C LYS B 61 11.77 20.08 -2.08
N ARG B 62 11.67 19.53 -0.87
CA ARG B 62 11.65 18.08 -0.72
C ARG B 62 10.40 17.48 -1.33
N ASP B 63 9.26 18.15 -1.17
CA ASP B 63 7.99 17.67 -1.69
C ASP B 63 7.71 18.30 -3.04
N PHE B 64 7.52 17.47 -4.07
CA PHE B 64 7.39 17.95 -5.44
C PHE B 64 6.03 17.58 -6.01
N VAL B 65 5.38 18.57 -6.61
CA VAL B 65 4.03 18.41 -7.14
C VAL B 65 4.11 17.84 -8.54
N ASP B 66 2.98 17.29 -9.00
CA ASP B 66 2.86 16.83 -10.37
C ASP B 66 1.45 17.07 -10.88
N HIS B 67 1.34 17.71 -12.03
CA HIS B 67 0.07 18.00 -12.65
C HIS B 67 -0.24 16.93 -13.70
N ILE B 68 -1.36 17.11 -14.41
CA ILE B 68 -1.76 16.12 -15.40
C ILE B 68 -0.78 16.10 -16.57
N ASP B 69 -0.47 17.27 -17.12
CA ASP B 69 0.40 17.36 -18.30
C ASP B 69 1.50 18.39 -18.09
N LEU B 70 1.94 18.57 -16.84
CA LEU B 70 3.05 19.46 -16.54
C LEU B 70 3.74 18.92 -15.29
N VAL B 71 5.07 18.94 -15.33
CA VAL B 71 5.89 18.32 -14.29
C VAL B 71 6.72 19.39 -13.61
N ASP B 72 6.67 19.42 -12.29
CA ASP B 72 7.54 20.31 -11.53
C ASP B 72 8.95 19.75 -11.57
N PRO B 73 9.95 20.51 -12.04
CA PRO B 73 11.30 19.95 -12.15
C PRO B 73 12.04 20.06 -10.83
N VAL B 74 12.88 19.07 -10.56
CA VAL B 74 13.74 19.15 -9.39
C VAL B 74 14.87 20.11 -9.70
N ASP B 75 15.44 20.70 -8.65
CA ASP B 75 16.53 21.65 -8.82
C ASP B 75 17.45 21.57 -7.62
N GLY B 76 18.74 21.68 -7.86
CA GLY B 76 19.70 21.63 -6.77
C GLY B 76 21.09 21.93 -7.27
N VAL B 77 21.97 22.20 -6.30
CA VAL B 77 23.38 22.44 -6.57
C VAL B 77 24.21 21.50 -5.71
N VAL B 78 25.43 21.26 -6.14
CA VAL B 78 26.35 20.38 -5.44
C VAL B 78 27.63 21.15 -5.14
N LEU B 79 28.01 21.19 -3.87
CA LEU B 79 29.24 21.84 -3.44
C LEU B 79 30.21 20.79 -2.91
N VAL B 80 31.41 20.77 -3.48
CA VAL B 80 32.43 19.79 -3.10
C VAL B 80 33.80 20.45 -3.22
N ASP B 81 34.73 20.02 -2.38
CA ASP B 81 36.06 20.60 -2.40
C ASP B 81 36.83 20.07 -3.61
N PRO B 82 37.26 20.94 -4.54
CA PRO B 82 38.01 20.45 -5.70
C PRO B 82 39.36 19.87 -5.35
N GLU B 83 39.95 20.27 -4.22
CA GLU B 83 41.22 19.69 -3.80
C GLU B 83 41.08 18.20 -3.54
N TYR B 84 39.96 17.79 -2.96
CA TYR B 84 39.70 16.36 -2.78
C TYR B 84 39.47 15.68 -4.12
N LEU B 85 38.67 16.30 -4.99
CA LEU B 85 38.35 15.73 -6.30
C LEU B 85 39.48 16.04 -7.28
N LYS B 86 40.57 15.28 -7.15
CA LYS B 86 41.69 15.43 -8.06
C LYS B 86 41.31 15.03 -9.47
N GLU B 87 40.74 13.85 -9.64
CA GLU B 87 40.26 13.40 -10.94
C GLU B 87 38.89 12.75 -10.89
N ARG B 88 38.37 12.40 -9.72
CA ARG B 88 37.06 11.77 -9.63
C ARG B 88 35.96 12.75 -10.05
N ARG B 89 34.96 12.23 -10.74
CA ARG B 89 33.84 13.03 -11.22
C ARG B 89 32.61 12.76 -10.37
N VAL B 90 31.91 13.83 -9.97
CA VAL B 90 30.73 13.72 -9.13
C VAL B 90 29.51 13.56 -10.03
N TYR B 91 28.76 12.48 -9.80
CA TYR B 91 27.58 12.17 -10.59
C TYR B 91 26.38 12.11 -9.66
N VAL B 92 25.27 12.74 -10.07
CA VAL B 92 24.06 12.81 -9.28
C VAL B 92 22.92 12.19 -10.09
N THR B 93 22.13 11.33 -9.43
CA THR B 93 21.14 10.52 -10.12
C THR B 93 19.81 10.55 -9.37
N LEU B 94 18.77 10.07 -10.04
CA LEU B 94 17.43 9.93 -9.47
C LEU B 94 16.92 8.55 -9.80
N THR B 95 16.78 7.69 -8.79
CA THR B 95 16.36 6.32 -8.98
C THR B 95 15.01 6.11 -8.29
N VAL B 96 14.00 5.73 -9.05
CA VAL B 96 12.66 5.55 -8.51
C VAL B 96 12.51 4.09 -8.11
N ALA B 97 12.98 3.76 -6.91
CA ALA B 97 13.00 2.38 -6.46
C ALA B 97 11.59 1.84 -6.29
N PHE B 98 11.44 0.55 -6.56
CA PHE B 98 10.23 -0.21 -6.25
C PHE B 98 10.66 -1.35 -5.35
N ARG B 99 10.26 -1.29 -4.08
CA ARG B 99 10.56 -2.34 -3.12
C ARG B 99 9.31 -3.20 -2.94
N TYR B 100 9.47 -4.52 -3.05
CA TYR B 100 8.36 -5.44 -2.89
C TYR B 100 8.65 -6.59 -1.94
N GLY B 101 9.90 -6.90 -1.65
CA GLY B 101 10.19 -8.08 -0.87
C GLY B 101 10.34 -7.85 0.63
N ARG B 102 9.26 -8.08 1.36
CA ARG B 102 9.21 -8.12 2.82
C ARG B 102 9.89 -6.89 3.42
N GLU B 103 10.45 -7.03 4.62
CA GLU B 103 11.23 -5.98 5.25
C GLU B 103 12.47 -6.56 5.93
N ASP B 104 12.97 -7.69 5.42
CA ASP B 104 14.12 -8.36 5.98
C ASP B 104 15.37 -8.00 5.20
N LEU B 105 16.48 -8.67 5.51
CA LEU B 105 17.75 -8.36 4.88
C LEU B 105 17.74 -8.76 3.40
N ASP B 106 18.68 -8.19 2.66
CA ASP B 106 18.78 -8.44 1.22
C ASP B 106 19.43 -9.80 0.99
N VAL B 107 19.76 -10.10 -0.27
CA VAL B 107 20.39 -11.35 -0.62
C VAL B 107 21.77 -11.08 -1.22
N LEU B 108 22.49 -12.14 -1.59
CA LEU B 108 23.81 -11.97 -2.17
C LEU B 108 23.74 -11.26 -3.52
N GLY B 109 22.77 -11.62 -4.36
CA GLY B 109 22.66 -11.01 -5.66
C GLY B 109 21.25 -10.67 -6.09
N LEU B 110 20.26 -11.02 -5.28
CA LEU B 110 18.87 -10.81 -5.68
C LEU B 110 18.43 -9.36 -5.42
N THR B 111 18.43 -8.95 -4.15
CA THR B 111 18.11 -7.62 -3.64
C THR B 111 16.64 -7.24 -3.81
N PHE B 112 15.83 -8.07 -4.49
CA PHE B 112 14.39 -7.92 -4.67
C PHE B 112 13.97 -6.46 -4.89
N ARG B 113 14.52 -5.87 -5.95
CA ARG B 113 14.24 -4.47 -6.26
C ARG B 113 14.28 -4.26 -7.76
N LYS B 114 13.61 -3.21 -8.22
CA LYS B 114 13.73 -2.78 -9.60
C LYS B 114 13.43 -1.29 -9.67
N ASP B 115 14.09 -0.62 -10.62
CA ASP B 115 13.98 0.82 -10.78
C ASP B 115 13.40 1.14 -12.15
N LEU B 116 12.30 1.88 -12.18
CA LEU B 116 11.57 2.17 -13.41
C LEU B 116 12.15 3.34 -14.20
N PHE B 117 13.03 4.13 -13.59
CA PHE B 117 13.59 5.31 -14.24
C PHE B 117 14.85 5.70 -13.50
N VAL B 118 15.98 5.64 -14.20
CA VAL B 118 17.27 6.06 -13.66
C VAL B 118 17.86 7.04 -14.65
N ALA B 119 17.94 8.31 -14.27
CA ALA B 119 18.57 9.34 -15.09
C ALA B 119 19.81 9.84 -14.35
N ASN B 120 20.94 9.86 -15.04
CA ASN B 120 22.18 10.37 -14.49
C ASN B 120 22.57 11.63 -15.24
N VAL B 121 22.99 12.66 -14.51
CA VAL B 121 23.42 13.91 -15.11
C VAL B 121 24.79 14.26 -14.53
N GLN B 122 25.72 14.62 -15.39
CA GLN B 122 27.08 14.96 -14.96
C GLN B 122 27.07 16.27 -14.18
N SER B 123 28.06 16.42 -13.31
CA SER B 123 28.19 17.63 -12.50
C SER B 123 29.60 18.19 -12.59
N PHE B 124 30.60 17.34 -12.76
CA PHE B 124 31.99 17.77 -12.85
C PHE B 124 32.56 17.38 -14.20
N PRO B 125 32.85 18.32 -15.11
CA PRO B 125 32.64 19.77 -14.98
C PRO B 125 31.16 20.13 -15.14
N PRO B 126 30.79 21.40 -14.96
CA PRO B 126 29.37 21.76 -14.95
C PRO B 126 28.70 21.69 -16.31
N ALA B 127 28.77 20.53 -16.96
CA ALA B 127 28.10 20.26 -18.22
C ALA B 127 28.45 21.28 -19.31
N PRO B 128 29.72 21.35 -19.72
CA PRO B 128 30.08 22.28 -20.80
C PRO B 128 29.46 21.93 -22.14
N GLU B 129 29.03 20.69 -22.34
CA GLU B 129 28.47 20.28 -23.63
C GLU B 129 27.08 20.88 -23.83
N ASP B 130 26.22 20.80 -22.82
CA ASP B 130 24.84 21.26 -22.93
C ASP B 130 24.58 22.36 -21.90
N LYS B 131 24.01 23.47 -22.37
CA LYS B 131 23.66 24.58 -21.50
C LYS B 131 22.25 24.36 -20.98
N LYS B 132 22.15 23.86 -19.75
CA LYS B 132 20.85 23.59 -19.15
C LYS B 132 20.13 24.90 -18.83
N PRO B 133 18.80 24.88 -18.81
CA PRO B 133 18.06 26.11 -18.48
C PRO B 133 18.12 26.43 -17.00
N LEU B 134 19.18 27.13 -16.58
CA LEU B 134 19.39 27.45 -15.17
C LEU B 134 18.21 28.24 -14.62
N THR B 135 17.75 27.81 -13.45
CA THR B 135 16.54 28.36 -12.84
C THR B 135 16.86 29.50 -11.90
N ARG B 136 15.81 30.21 -11.47
CA ARG B 136 15.98 31.27 -10.49
C ARG B 136 16.46 30.71 -9.16
N LEU B 137 15.91 29.56 -8.74
CA LEU B 137 16.40 28.91 -7.53
C LEU B 137 17.85 28.49 -7.67
N GLN B 138 18.22 27.93 -8.82
CA GLN B 138 19.60 27.53 -9.04
C GLN B 138 20.52 28.73 -9.05
N GLU B 139 20.10 29.83 -9.68
CA GLU B 139 20.92 31.05 -9.71
C GLU B 139 21.09 31.62 -8.31
N ARG B 140 20.02 31.66 -7.52
CA ARG B 140 20.13 32.15 -6.15
C ARG B 140 21.05 31.26 -5.32
N LEU B 141 20.94 29.94 -5.50
CA LEU B 141 21.80 29.03 -4.75
C LEU B 141 23.26 29.20 -5.12
N ILE B 142 23.54 29.38 -6.42
CA ILE B 142 24.92 29.59 -6.85
C ILE B 142 25.43 30.97 -6.42
N LYS B 143 24.53 31.94 -6.22
CA LYS B 143 24.94 33.24 -5.74
C LYS B 143 25.22 33.23 -4.24
N LYS B 144 24.49 32.42 -3.47
CA LYS B 144 24.72 32.34 -2.03
C LYS B 144 26.13 31.82 -1.74
N LEU B 145 26.53 30.75 -2.40
CA LEU B 145 27.88 30.23 -2.29
C LEU B 145 28.73 30.85 -3.39
N GLY B 146 29.94 30.34 -3.56
CA GLY B 146 30.84 30.81 -4.60
C GLY B 146 30.61 30.08 -5.92
N GLU B 147 31.57 30.27 -6.84
CA GLU B 147 31.56 29.56 -8.11
C GLU B 147 32.05 28.13 -7.98
N HIS B 148 32.40 27.69 -6.77
CA HIS B 148 32.87 26.33 -6.57
C HIS B 148 31.78 25.31 -6.88
N ALA B 149 30.54 25.59 -6.47
CA ALA B 149 29.46 24.65 -6.67
C ALA B 149 29.05 24.57 -8.13
N TYR B 150 28.59 23.38 -8.54
CA TYR B 150 28.09 23.14 -9.87
C TYR B 150 26.67 22.58 -9.79
N PRO B 151 25.75 23.09 -10.60
CA PRO B 151 24.34 22.69 -10.45
C PRO B 151 23.98 21.44 -11.24
N PHE B 152 22.72 21.03 -11.11
CA PHE B 152 22.18 19.89 -11.84
C PHE B 152 20.69 20.10 -12.01
N THR B 153 20.10 19.34 -12.92
CA THR B 153 18.67 19.44 -13.17
C THR B 153 18.18 18.13 -13.78
N PHE B 154 17.05 17.64 -13.30
CA PHE B 154 16.42 16.45 -13.84
C PHE B 154 15.11 16.83 -14.51
N GLU B 155 14.40 15.81 -14.98
CA GLU B 155 13.06 15.98 -15.54
C GLU B 155 12.34 14.65 -15.42
N ILE B 156 11.09 14.70 -15.01
CA ILE B 156 10.30 13.51 -14.72
C ILE B 156 9.20 13.40 -15.77
N PRO B 157 9.08 12.30 -16.50
CA PRO B 157 7.91 12.10 -17.36
C PRO B 157 6.64 12.01 -16.53
N PRO B 158 5.54 12.56 -17.02
CA PRO B 158 4.29 12.54 -16.23
C PRO B 158 3.78 11.14 -15.94
N ASN B 159 4.03 10.17 -16.82
CA ASN B 159 3.50 8.81 -16.64
C ASN B 159 4.41 8.04 -15.69
N LEU B 160 4.38 8.44 -14.42
CA LEU B 160 5.17 7.82 -13.37
C LEU B 160 4.36 7.83 -12.08
N PRO B 161 4.59 6.87 -11.18
CA PRO B 161 3.71 6.74 -10.02
C PRO B 161 4.04 7.76 -8.93
N SER B 162 2.98 8.17 -8.23
CA SER B 162 3.15 9.02 -7.06
C SER B 162 3.85 8.25 -5.94
N SER B 163 4.59 8.98 -5.12
CA SER B 163 5.41 8.35 -4.10
C SER B 163 4.56 7.76 -2.98
N VAL B 164 4.23 6.48 -3.09
CA VAL B 164 3.39 5.79 -2.11
C VAL B 164 4.15 4.58 -1.58
N THR B 165 4.08 4.38 -0.27
CA THR B 165 4.71 3.23 0.37
C THR B 165 3.64 2.39 1.03
N LEU B 166 3.65 1.09 0.74
CA LEU B 166 2.68 0.19 1.35
C LEU B 166 2.99 0.02 2.83
N GLN B 167 1.98 -0.39 3.58
CA GLN B 167 2.11 -0.48 5.02
C GLN B 167 3.07 -1.61 5.38
N PRO B 168 4.10 -1.35 6.18
CA PRO B 168 5.04 -2.42 6.55
C PRO B 168 4.41 -3.54 7.35
N GLY B 169 3.42 -3.23 8.17
CA GLY B 169 2.84 -4.22 9.04
C GLY B 169 3.53 -4.22 10.39
N PRO B 170 2.93 -4.89 11.38
CA PRO B 170 3.48 -4.85 12.73
C PRO B 170 4.68 -5.78 12.92
N GLU B 171 4.66 -6.94 12.25
CA GLU B 171 5.74 -7.90 12.40
C GLU B 171 6.99 -7.49 11.64
N ASP B 172 6.84 -6.82 10.51
CA ASP B 172 7.98 -6.41 9.71
C ASP B 172 8.74 -5.26 10.37
N THR B 173 10.06 -5.28 10.22
CA THR B 173 10.92 -4.22 10.76
C THR B 173 12.10 -4.08 9.81
N GLY B 174 12.01 -3.09 8.91
CA GLY B 174 13.06 -2.88 7.94
C GLY B 174 12.60 -1.95 6.83
N LYS B 175 13.24 -2.09 5.67
CA LYS B 175 12.84 -1.30 4.52
C LYS B 175 11.42 -1.64 4.10
N ALA B 176 10.63 -0.62 3.82
CA ALA B 176 9.22 -0.79 3.51
C ALA B 176 9.02 -1.11 2.03
N LEU B 177 7.82 -1.57 1.71
CA LEU B 177 7.45 -1.92 0.35
C LEU B 177 7.09 -0.65 -0.42
N GLY B 178 6.51 -0.81 -1.60
CA GLY B 178 6.01 0.32 -2.36
C GLY B 178 7.11 1.06 -3.11
N VAL B 179 6.68 2.13 -3.79
CA VAL B 179 7.58 2.93 -4.62
C VAL B 179 8.10 4.08 -3.81
N ASP B 180 9.40 4.30 -3.86
CA ASP B 180 10.06 5.31 -3.03
C ASP B 180 11.10 6.03 -3.86
N TYR B 181 10.93 7.34 -4.02
CA TYR B 181 11.86 8.10 -4.83
C TYR B 181 13.20 8.21 -4.11
N GLU B 182 14.23 8.61 -4.85
CA GLU B 182 15.55 8.79 -4.25
C GLU B 182 16.39 9.68 -5.14
N VAL B 183 17.20 10.53 -4.51
CA VAL B 183 18.20 11.34 -5.19
C VAL B 183 19.53 11.08 -4.50
N LYS B 184 20.51 10.64 -5.28
CA LYS B 184 21.82 10.32 -4.74
C LYS B 184 22.90 10.91 -5.62
N ALA B 185 23.95 11.42 -4.99
CA ALA B 185 25.12 11.93 -5.68
C ALA B 185 26.35 11.17 -5.20
N PHE B 186 27.15 10.68 -6.15
CA PHE B 186 28.34 9.93 -5.84
C PHE B 186 29.50 10.43 -6.68
N VAL B 187 30.71 10.19 -6.17
CA VAL B 187 31.95 10.58 -6.82
C VAL B 187 32.65 9.32 -7.31
N ALA B 188 32.94 9.26 -8.61
CA ALA B 188 33.57 8.09 -9.21
C ALA B 188 34.19 8.52 -10.54
N GLU B 189 34.68 7.53 -11.29
CA GLU B 189 35.23 7.78 -12.62
C GLU B 189 34.38 7.20 -13.74
N ASN B 190 33.48 6.27 -13.43
CA ASN B 190 32.64 5.66 -14.45
C ASN B 190 31.33 5.22 -13.82
N LEU B 191 30.31 5.04 -14.66
CA LEU B 191 29.01 4.59 -14.17
C LEU B 191 29.08 3.14 -13.70
N GLU B 192 29.86 2.31 -14.38
CA GLU B 192 29.95 0.90 -14.02
C GLU B 192 30.74 0.68 -12.73
N GLU B 193 31.48 1.68 -12.27
CA GLU B 193 32.29 1.53 -11.07
C GLU B 193 31.40 1.45 -9.84
N LYS B 194 31.94 0.86 -8.77
CA LYS B 194 31.20 0.74 -7.53
C LYS B 194 31.03 2.10 -6.87
N ILE B 195 29.85 2.32 -6.29
CA ILE B 195 29.56 3.56 -5.57
C ILE B 195 30.06 3.40 -4.14
N HIS B 196 31.06 4.20 -3.78
CA HIS B 196 31.64 4.13 -2.44
C HIS B 196 30.63 4.66 -1.42
N LYS B 197 30.06 3.76 -0.62
CA LYS B 197 29.03 4.16 0.34
C LYS B 197 29.60 5.10 1.40
N ARG B 198 30.84 4.89 1.81
CA ARG B 198 31.47 5.76 2.78
C ARG B 198 31.68 7.18 2.26
N ASN B 199 31.54 7.39 0.96
CA ASN B 199 31.63 8.70 0.34
C ASN B 199 30.40 8.96 -0.52
N SER B 200 29.24 8.50 -0.06
CA SER B 200 27.99 8.60 -0.81
C SER B 200 26.96 9.36 0.00
N VAL B 201 26.28 10.31 -0.64
CA VAL B 201 25.24 11.12 -0.01
C VAL B 201 23.90 10.76 -0.64
N ARG B 202 22.87 10.71 0.19
CA ARG B 202 21.55 10.27 -0.27
C ARG B 202 20.47 10.96 0.54
N LEU B 203 19.54 11.61 -0.16
CA LEU B 203 18.38 12.22 0.46
C LEU B 203 17.14 11.84 -0.34
N VAL B 204 16.05 11.62 0.37
CA VAL B 204 14.83 11.08 -0.22
C VAL B 204 13.88 12.22 -0.54
N ILE B 205 13.38 12.25 -1.78
CA ILE B 205 12.34 13.18 -2.17
C ILE B 205 11.04 12.41 -2.30
N ARG B 206 9.96 13.14 -2.50
CA ARG B 206 8.65 12.53 -2.71
C ARG B 206 7.92 13.32 -3.79
N LYS B 207 7.20 12.60 -4.65
CA LYS B 207 6.36 13.22 -5.67
C LYS B 207 4.91 12.96 -5.30
N VAL B 208 4.14 14.04 -5.19
CA VAL B 208 2.76 13.95 -4.72
C VAL B 208 1.90 14.84 -5.60
N GLN B 209 0.71 14.35 -5.97
CA GLN B 209 -0.21 15.11 -6.79
C GLN B 209 -1.16 15.93 -5.92
N TYR B 210 -1.61 17.06 -6.45
CA TYR B 210 -2.47 17.99 -5.73
C TYR B 210 -3.80 18.14 -6.46
N ALA B 211 -4.79 18.64 -5.72
CA ALA B 211 -6.18 18.51 -6.12
C ALA B 211 -6.50 19.29 -7.39
N PRO B 212 -7.43 18.80 -8.21
CA PRO B 212 -7.98 19.63 -9.28
C PRO B 212 -8.96 20.63 -8.69
N GLU B 213 -8.73 21.91 -8.96
CA GLU B 213 -9.57 22.96 -8.40
C GLU B 213 -11.01 22.84 -8.91
N ARG B 214 -11.19 22.54 -10.20
CA ARG B 214 -12.51 22.39 -10.78
C ARG B 214 -12.92 20.93 -10.77
N PRO B 215 -13.97 20.55 -10.07
CA PRO B 215 -14.42 19.16 -10.08
C PRO B 215 -15.49 18.91 -11.14
N GLY B 216 -15.78 17.61 -11.33
CA GLY B 216 -16.84 17.20 -12.21
C GLY B 216 -18.19 17.36 -11.54
N PRO B 217 -19.25 16.96 -12.26
CA PRO B 217 -20.59 17.13 -11.72
C PRO B 217 -20.81 16.38 -10.41
N GLN B 218 -20.69 15.04 -10.45
CA GLN B 218 -20.92 14.16 -9.31
C GLN B 218 -20.64 12.71 -9.70
N PRO B 219 -20.27 11.85 -8.76
CA PRO B 219 -20.23 10.41 -9.04
C PRO B 219 -21.57 9.74 -8.74
N THR B 220 -22.21 9.16 -9.76
CA THR B 220 -23.48 8.48 -9.60
C THR B 220 -23.44 7.14 -10.32
N ALA B 221 -24.18 6.17 -9.79
CA ALA B 221 -24.33 4.87 -10.42
C ALA B 221 -25.55 4.18 -9.83
N GLU B 222 -26.29 3.48 -10.70
CA GLU B 222 -27.54 2.83 -10.30
C GLU B 222 -27.63 1.48 -10.98
N THR B 223 -27.56 0.41 -10.21
CA THR B 223 -27.65 -0.96 -10.72
C THR B 223 -28.83 -1.66 -10.06
N THR B 224 -29.68 -2.27 -10.89
CA THR B 224 -30.81 -3.06 -10.42
C THR B 224 -30.50 -4.54 -10.56
N ARG B 225 -31.35 -5.36 -9.96
CA ARG B 225 -31.19 -6.80 -10.02
C ARG B 225 -32.55 -7.46 -9.95
N GLN B 226 -32.84 -8.35 -10.90
CA GLN B 226 -34.09 -9.09 -10.95
C GLN B 226 -33.82 -10.54 -10.57
N PHE B 227 -34.58 -11.05 -9.62
CA PHE B 227 -34.38 -12.40 -9.14
C PHE B 227 -35.22 -13.40 -9.94
N LEU B 228 -34.85 -14.68 -9.82
CA LEU B 228 -35.54 -15.72 -10.57
C LEU B 228 -36.96 -15.93 -10.07
N MET B 229 -37.21 -15.65 -8.78
CA MET B 229 -38.53 -15.88 -8.21
C MET B 229 -39.58 -14.98 -8.85
N SER B 230 -39.29 -13.69 -9.00
CA SER B 230 -40.25 -12.73 -9.53
C SER B 230 -39.53 -11.74 -10.42
N ASP B 231 -40.21 -11.32 -11.49
CA ASP B 231 -39.66 -10.34 -12.43
C ASP B 231 -40.01 -8.92 -12.02
N LYS B 232 -39.69 -8.57 -10.78
CA LYS B 232 -39.90 -7.23 -10.24
C LYS B 232 -38.59 -6.76 -9.60
N PRO B 233 -37.63 -6.34 -10.41
CA PRO B 233 -36.34 -5.93 -9.86
C PRO B 233 -36.44 -4.67 -9.02
N LEU B 234 -35.50 -4.52 -8.10
CA LEU B 234 -35.44 -3.36 -7.22
C LEU B 234 -34.36 -2.39 -7.71
N HIS B 235 -34.64 -1.10 -7.58
CA HIS B 235 -33.76 -0.05 -8.07
C HIS B 235 -32.97 0.52 -6.90
N LEU B 236 -31.66 0.59 -7.06
CA LEU B 236 -30.77 1.15 -6.05
C LEU B 236 -30.02 2.32 -6.66
N GLU B 237 -29.94 3.42 -5.93
CA GLU B 237 -29.25 4.62 -6.38
C GLU B 237 -28.33 5.12 -5.28
N ALA B 238 -27.14 5.55 -5.67
CA ALA B 238 -26.16 6.08 -4.73
C ALA B 238 -25.56 7.36 -5.28
N SER B 239 -25.18 8.26 -4.36
CA SER B 239 -24.64 9.55 -4.76
C SER B 239 -23.72 10.08 -3.65
N LEU B 240 -22.75 10.90 -4.05
CA LEU B 240 -21.79 11.51 -3.15
C LEU B 240 -21.90 13.03 -3.23
N ASP B 241 -21.30 13.71 -2.26
CA ASP B 241 -21.37 15.17 -2.23
C ASP B 241 -20.57 15.78 -3.37
N LYS B 242 -19.32 15.35 -3.53
CA LYS B 242 -18.43 15.84 -4.58
C LYS B 242 -17.57 14.66 -5.04
N GLU B 243 -16.61 14.92 -5.92
CA GLU B 243 -15.72 13.84 -6.31
C GLU B 243 -14.36 13.90 -5.63
N ILE B 244 -13.82 15.09 -5.43
CA ILE B 244 -12.52 15.25 -4.78
C ILE B 244 -12.77 15.58 -3.33
N TYR B 245 -12.18 14.80 -2.43
CA TYR B 245 -12.35 14.99 -1.00
C TYR B 245 -10.99 15.21 -0.38
N TYR B 246 -10.87 16.26 0.43
CA TYR B 246 -9.69 16.44 1.23
C TYR B 246 -9.63 15.34 2.29
N HIS B 247 -8.41 14.91 2.63
CA HIS B 247 -8.25 13.77 3.51
C HIS B 247 -8.85 14.05 4.87
N GLY B 248 -9.55 13.06 5.41
CA GLY B 248 -10.22 13.20 6.67
C GLY B 248 -11.59 13.79 6.60
N GLU B 249 -11.99 14.38 5.47
CA GLU B 249 -13.32 14.91 5.35
C GLU B 249 -14.34 13.77 5.32
N PRO B 250 -15.56 14.01 5.80
CA PRO B 250 -16.53 12.92 5.90
C PRO B 250 -17.14 12.57 4.54
N ILE B 251 -17.19 11.26 4.26
CA ILE B 251 -17.95 10.74 3.13
C ILE B 251 -19.43 10.98 3.37
N SER B 252 -20.12 11.53 2.38
CA SER B 252 -21.57 11.70 2.46
C SER B 252 -22.22 10.86 1.36
N VAL B 253 -22.45 9.59 1.66
CA VAL B 253 -23.14 8.70 0.72
C VAL B 253 -24.65 8.90 0.87
N ASN B 254 -25.34 9.04 -0.25
CA ASN B 254 -26.79 9.21 -0.27
C ASN B 254 -27.38 8.02 -1.03
N VAL B 255 -27.95 7.07 -0.31
CA VAL B 255 -28.50 5.87 -0.91
C VAL B 255 -29.99 6.06 -1.14
N HIS B 256 -30.53 5.27 -2.06
CA HIS B 256 -31.96 5.31 -2.37
C HIS B 256 -32.35 3.97 -2.96
N VAL B 257 -33.20 3.22 -2.25
CA VAL B 257 -33.61 1.89 -2.66
C VAL B 257 -35.13 1.85 -2.77
N THR B 258 -35.62 1.23 -3.84
CA THR B 258 -37.05 0.99 -4.03
C THR B 258 -37.22 -0.51 -4.19
N ASN B 259 -37.39 -1.21 -3.08
CA ASN B 259 -37.46 -2.67 -3.06
C ASN B 259 -38.84 -3.12 -3.53
N ASN B 260 -38.95 -3.36 -4.84
CA ASN B 260 -40.21 -3.83 -5.42
C ASN B 260 -40.33 -5.34 -5.46
N THR B 261 -39.25 -6.08 -5.20
CA THR B 261 -39.33 -7.53 -5.20
C THR B 261 -39.93 -8.02 -3.89
N ASN B 262 -40.33 -9.29 -3.88
CA ASN B 262 -40.93 -9.91 -2.70
C ASN B 262 -39.86 -10.48 -1.78
N LYS B 263 -38.94 -9.60 -1.40
CA LYS B 263 -37.84 -9.97 -0.52
C LYS B 263 -37.49 -8.79 0.37
N THR B 264 -36.75 -9.08 1.43
CA THR B 264 -36.40 -8.08 2.43
C THR B 264 -34.89 -7.89 2.45
N VAL B 265 -34.46 -6.65 2.66
CA VAL B 265 -33.05 -6.31 2.74
C VAL B 265 -32.60 -6.48 4.18
N LYS B 266 -31.73 -7.47 4.42
CA LYS B 266 -31.31 -7.77 5.78
C LYS B 266 -30.41 -6.68 6.34
N LYS B 267 -29.40 -6.27 5.59
CA LYS B 267 -28.42 -5.33 6.09
C LYS B 267 -27.87 -4.51 4.95
N ILE B 268 -27.34 -3.33 5.27
CA ILE B 268 -26.70 -2.44 4.31
C ILE B 268 -25.26 -2.23 4.74
N LYS B 269 -24.33 -2.50 3.84
CA LYS B 269 -22.91 -2.34 4.12
C LYS B 269 -22.35 -1.25 3.23
N ILE B 270 -21.71 -0.25 3.84
CA ILE B 270 -21.03 0.81 3.13
C ILE B 270 -19.57 0.79 3.54
N SER B 271 -18.67 0.79 2.56
CA SER B 271 -17.26 0.70 2.86
C SER B 271 -16.45 1.30 1.71
N VAL B 272 -15.58 2.25 2.03
CA VAL B 272 -14.62 2.74 1.04
C VAL B 272 -13.49 1.72 0.92
N ARG B 273 -13.20 1.31 -0.29
CA ARG B 273 -12.25 0.24 -0.54
C ARG B 273 -11.08 0.77 -1.34
N GLN B 274 -9.87 0.59 -0.81
CA GLN B 274 -8.66 1.06 -1.46
C GLN B 274 -8.27 0.09 -2.56
N TYR B 275 -8.30 0.55 -3.80
CA TYR B 275 -7.93 -0.27 -4.94
C TYR B 275 -6.49 0.08 -5.31
N ALA B 276 -5.55 -0.75 -4.87
CA ALA B 276 -4.12 -0.50 -5.07
C ALA B 276 -3.66 -1.35 -6.25
N ASP B 277 -3.75 -0.80 -7.45
CA ASP B 277 -3.43 -1.53 -8.68
C ASP B 277 -1.92 -1.60 -8.85
N ILE B 278 -1.30 -2.61 -8.22
CA ILE B 278 0.13 -2.82 -8.39
C ILE B 278 0.40 -3.30 -9.81
N VAL B 279 1.27 -2.58 -10.52
CA VAL B 279 1.61 -2.92 -11.90
C VAL B 279 3.13 -3.02 -11.96
N LEU B 280 3.66 -4.23 -11.73
CA LEU B 280 5.09 -4.48 -11.87
C LEU B 280 5.42 -5.02 -13.25
N PHE B 281 4.87 -6.19 -13.58
CA PHE B 281 4.87 -6.75 -14.93
C PHE B 281 3.51 -7.38 -15.21
N ASN B 282 2.48 -6.99 -14.45
CA ASN B 282 1.21 -7.69 -14.33
C ASN B 282 0.12 -6.63 -14.25
N THR B 283 -1.07 -7.03 -13.80
CA THR B 283 -2.11 -6.07 -13.47
C THR B 283 -2.78 -6.52 -12.16
N ALA B 284 -1.95 -6.85 -11.17
CA ALA B 284 -2.47 -7.31 -9.89
C ALA B 284 -3.28 -6.21 -9.22
N GLN B 285 -4.37 -6.59 -8.58
CA GLN B 285 -5.26 -5.64 -7.94
C GLN B 285 -5.51 -6.05 -6.51
N TYR B 286 -5.65 -5.07 -5.63
CA TYR B 286 -5.98 -5.29 -4.23
C TYR B 286 -7.31 -4.62 -3.91
N LYS B 287 -8.00 -5.15 -2.90
CA LYS B 287 -9.34 -4.69 -2.54
C LYS B 287 -9.46 -4.51 -1.04
N VAL B 288 -8.49 -3.84 -0.43
CA VAL B 288 -8.47 -3.66 1.02
C VAL B 288 -9.52 -2.64 1.44
N PRO B 289 -10.45 -2.98 2.33
CA PRO B 289 -11.36 -1.98 2.87
C PRO B 289 -10.65 -1.06 3.85
N VAL B 290 -11.20 0.14 4.00
CA VAL B 290 -10.61 1.18 4.84
C VAL B 290 -11.50 1.50 6.03
N ALA B 291 -12.78 1.73 5.81
CA ALA B 291 -13.71 1.97 6.91
C ALA B 291 -15.08 1.50 6.49
N MET B 292 -15.60 0.49 7.18
CA MET B 292 -16.89 -0.11 6.87
C MET B 292 -17.88 0.23 7.97
N GLU B 293 -18.99 0.87 7.61
CA GLU B 293 -20.07 1.17 8.53
C GLU B 293 -21.32 0.44 8.10
N GLU B 294 -21.94 -0.28 9.04
CA GLU B 294 -23.14 -1.06 8.77
C GLU B 294 -24.31 -0.49 9.53
N ALA B 295 -25.51 -0.80 9.04
CA ALA B 295 -26.74 -0.37 9.68
C ALA B 295 -27.83 -1.35 9.33
N ASP B 296 -28.48 -1.91 10.35
CA ASP B 296 -29.54 -2.89 10.13
C ASP B 296 -30.86 -2.19 9.83
N ASP B 297 -30.86 -1.29 8.85
CA ASP B 297 -32.07 -0.55 8.49
C ASP B 297 -32.81 -1.32 7.40
N THR B 298 -33.52 -2.37 7.83
CA THR B 298 -34.23 -3.22 6.89
C THR B 298 -35.41 -2.47 6.26
N VAL B 299 -35.75 -2.87 5.04
CA VAL B 299 -36.86 -2.28 4.30
C VAL B 299 -37.81 -3.39 3.90
N ALA B 300 -39.10 -3.19 4.18
CA ALA B 300 -40.11 -4.18 3.87
C ALA B 300 -40.27 -4.33 2.36
N PRO B 301 -40.76 -5.47 1.88
CA PRO B 301 -41.05 -5.61 0.46
C PRO B 301 -42.10 -4.61 0.02
N SER B 302 -41.97 -4.18 -1.25
CA SER B 302 -42.82 -3.14 -1.83
C SER B 302 -42.79 -1.86 -1.00
N SER B 303 -41.59 -1.48 -0.55
CA SER B 303 -41.41 -0.26 0.22
C SER B 303 -40.07 0.37 -0.17
N THR B 304 -39.99 1.69 0.03
CA THR B 304 -38.81 2.47 -0.31
C THR B 304 -38.05 2.86 0.96
N PHE B 305 -36.85 3.39 0.76
CA PHE B 305 -35.98 3.76 1.87
C PHE B 305 -34.91 4.67 1.28
N SER B 306 -34.75 5.86 1.86
CA SER B 306 -33.76 6.80 1.38
C SER B 306 -33.30 7.68 2.54
N LYS B 307 -32.10 7.42 3.04
CA LYS B 307 -31.46 8.33 4.00
C LYS B 307 -29.96 8.24 3.81
N VAL B 308 -29.28 9.37 4.00
CA VAL B 308 -27.86 9.46 3.72
C VAL B 308 -27.07 8.90 4.89
N TYR B 309 -25.93 8.29 4.58
CA TYR B 309 -25.00 7.80 5.58
C TYR B 309 -23.72 8.62 5.54
N THR B 310 -22.99 8.56 6.65
CA THR B 310 -21.75 9.31 6.80
C THR B 310 -20.62 8.34 7.11
N LEU B 311 -19.52 8.46 6.38
CA LEU B 311 -18.35 7.63 6.56
C LEU B 311 -17.11 8.50 6.60
N THR B 312 -16.08 8.04 7.30
CA THR B 312 -14.83 8.78 7.40
C THR B 312 -13.64 7.85 7.29
N PRO B 313 -12.82 7.96 6.26
CA PRO B 313 -11.66 7.07 6.14
C PRO B 313 -10.47 7.59 6.91
N PHE B 314 -9.91 6.79 7.81
CA PHE B 314 -8.77 7.25 8.60
C PHE B 314 -7.91 6.07 9.03
N LEU B 315 -6.67 6.38 9.39
CA LEU B 315 -5.65 5.38 9.63
C LEU B 315 -5.60 4.85 11.05
N ALA B 316 -6.34 5.45 11.99
CA ALA B 316 -6.20 5.06 13.39
C ALA B 316 -6.65 3.62 13.63
N ASN B 317 -7.75 3.21 13.01
CA ASN B 317 -8.25 1.85 13.17
C ASN B 317 -7.80 0.90 12.07
N ASN B 318 -6.97 1.36 11.13
CA ASN B 318 -6.41 0.51 10.09
C ASN B 318 -4.92 0.27 10.29
N ARG B 319 -4.47 0.23 11.55
CA ARG B 319 -3.06 0.03 11.82
C ARG B 319 -2.59 -1.35 11.35
N GLU B 320 -3.42 -2.38 11.58
CA GLU B 320 -3.01 -3.76 11.34
C GLU B 320 -3.28 -4.23 9.91
N LYS B 321 -3.95 -3.43 9.08
CA LYS B 321 -4.26 -3.87 7.73
C LYS B 321 -3.01 -3.86 6.86
N ARG B 322 -2.34 -5.01 6.75
CA ARG B 322 -1.20 -5.11 5.87
C ARG B 322 -1.63 -4.94 4.42
N GLY B 323 -0.73 -4.43 3.59
CA GLY B 323 -1.04 -4.21 2.20
C GLY B 323 -1.77 -2.92 1.90
N LEU B 324 -2.06 -2.12 2.92
CA LEU B 324 -2.63 -0.80 2.71
C LEU B 324 -1.62 0.11 2.03
N ALA B 325 -2.11 1.10 1.30
CA ALA B 325 -1.25 2.03 0.59
C ALA B 325 -1.24 3.37 1.32
N LEU B 326 -0.04 3.84 1.67
CA LEU B 326 0.13 5.11 2.36
C LEU B 326 0.90 6.06 1.46
N ASP B 327 0.63 7.35 1.61
CA ASP B 327 1.19 8.36 0.71
C ASP B 327 2.48 8.84 1.33
N GLY B 328 3.60 8.35 0.82
CA GLY B 328 4.90 8.92 1.12
C GLY B 328 5.45 8.56 2.48
N LYS B 329 6.76 8.35 2.55
CA LYS B 329 7.43 8.12 3.82
C LYS B 329 8.85 8.64 3.68
N LEU B 330 9.26 9.54 4.57
CA LEU B 330 10.63 10.04 4.50
C LEU B 330 11.59 9.06 5.15
N LYS B 331 11.45 8.85 6.46
CA LYS B 331 12.10 7.71 7.11
C LYS B 331 11.10 6.78 7.75
N HIS B 332 10.33 7.26 8.74
CA HIS B 332 9.28 6.43 9.32
C HIS B 332 8.06 7.25 9.75
N GLU B 333 8.01 8.54 9.45
CA GLU B 333 6.94 9.40 9.96
C GLU B 333 5.59 8.95 9.42
N ASP B 334 4.61 8.82 10.31
CA ASP B 334 3.28 8.37 9.90
C ASP B 334 2.64 9.40 8.98
N THR B 335 1.95 8.91 7.96
CA THR B 335 1.31 9.79 6.99
C THR B 335 -0.15 9.43 6.82
N ASN B 336 -0.81 10.04 5.84
CA ASN B 336 -2.21 9.77 5.58
C ASN B 336 -2.36 8.52 4.72
N LEU B 337 -3.59 8.23 4.31
CA LEU B 337 -3.82 7.18 3.34
C LEU B 337 -3.32 7.63 1.96
N ALA B 338 -3.27 6.67 1.03
CA ALA B 338 -2.74 6.94 -0.29
C ALA B 338 -3.63 7.93 -1.04
N SER B 339 -3.05 9.06 -1.43
CA SER B 339 -3.78 10.01 -2.24
C SER B 339 -4.07 9.40 -3.61
N SER B 340 -5.28 9.63 -4.11
CA SER B 340 -5.70 9.02 -5.38
C SER B 340 -4.92 9.62 -6.53
N THR B 341 -4.12 8.79 -7.19
CA THR B 341 -3.26 9.25 -8.28
C THR B 341 -4.09 9.39 -9.54
N LEU B 342 -4.57 10.60 -9.81
CA LEU B 342 -5.27 10.87 -11.05
C LEU B 342 -4.28 10.95 -12.20
N LEU B 343 -4.75 10.55 -13.38
CA LEU B 343 -3.96 10.63 -14.60
C LEU B 343 -4.75 11.38 -15.66
N ARG B 344 -4.05 11.91 -16.65
CA ARG B 344 -4.71 12.60 -17.74
C ARG B 344 -5.58 11.63 -18.53
N GLU B 345 -6.66 12.16 -19.10
CA GLU B 345 -7.61 11.32 -19.83
C GLU B 345 -6.94 10.70 -21.05
N GLY B 346 -7.11 9.39 -21.20
CA GLY B 346 -6.49 8.67 -22.29
C GLY B 346 -5.05 8.29 -22.08
N ALA B 347 -4.51 8.46 -20.87
CA ALA B 347 -3.13 8.11 -20.61
C ALA B 347 -2.95 6.59 -20.62
N ASN B 348 -1.72 6.16 -20.91
CA ASN B 348 -1.41 4.75 -20.93
C ASN B 348 -1.36 4.22 -19.51
N ARG B 349 -2.48 3.68 -19.03
CA ARG B 349 -2.62 3.23 -17.65
C ARG B 349 -2.04 1.85 -17.41
N GLU B 350 -1.20 1.35 -18.31
CA GLU B 350 -0.59 0.04 -18.16
C GLU B 350 0.94 0.11 -18.15
N ILE B 351 1.50 1.27 -17.78
CA ILE B 351 2.95 1.44 -17.73
C ILE B 351 3.45 1.83 -16.34
N LEU B 352 2.58 2.29 -15.45
CA LEU B 352 3.05 2.93 -14.23
C LEU B 352 3.35 1.88 -13.15
N GLY B 353 3.99 2.35 -12.07
CA GLY B 353 4.45 1.50 -11.00
C GLY B 353 3.39 1.08 -9.99
N ILE B 354 2.79 2.05 -9.29
CA ILE B 354 1.67 1.80 -8.39
C ILE B 354 0.60 2.86 -8.64
N ILE B 355 -0.64 2.42 -8.81
CA ILE B 355 -1.77 3.31 -9.00
C ILE B 355 -2.81 2.96 -7.94
N VAL B 356 -3.21 3.95 -7.16
CA VAL B 356 -4.25 3.76 -6.14
C VAL B 356 -5.44 4.61 -6.51
N SER B 357 -6.64 4.09 -6.25
CA SER B 357 -7.87 4.82 -6.50
C SER B 357 -8.90 4.35 -5.51
N TYR B 358 -9.86 5.23 -5.20
CA TYR B 358 -10.81 4.99 -4.13
C TYR B 358 -12.21 4.89 -4.72
N LYS B 359 -12.89 3.79 -4.41
CA LYS B 359 -14.26 3.57 -4.85
C LYS B 359 -15.07 3.07 -3.66
N VAL B 360 -16.23 3.66 -3.43
CA VAL B 360 -17.09 3.29 -2.31
C VAL B 360 -18.13 2.31 -2.80
N LYS B 361 -18.36 1.26 -2.01
CA LYS B 361 -19.29 0.19 -2.36
C LYS B 361 -20.56 0.33 -1.53
N VAL B 362 -21.70 0.35 -2.21
CA VAL B 362 -23.00 0.30 -1.54
C VAL B 362 -23.51 -1.12 -1.75
N LYS B 363 -23.20 -2.00 -0.81
CA LYS B 363 -23.59 -3.40 -0.86
C LYS B 363 -24.63 -3.66 0.21
N LEU B 364 -25.72 -4.29 -0.16
CA LEU B 364 -26.79 -4.66 0.77
C LEU B 364 -27.17 -6.10 0.53
N VAL B 365 -27.43 -6.82 1.62
CA VAL B 365 -27.68 -8.26 1.57
C VAL B 365 -29.17 -8.52 1.65
N VAL B 366 -29.64 -9.48 0.86
CA VAL B 366 -31.06 -9.79 0.75
C VAL B 366 -31.32 -11.16 1.36
N SER B 367 -32.60 -11.48 1.52
CA SER B 367 -33.04 -12.73 2.13
C SER B 367 -33.67 -13.64 1.08
N ARG B 368 -33.38 -14.93 1.18
CA ARG B 368 -33.90 -15.93 0.25
C ARG B 368 -35.15 -16.62 0.80
N GLY B 369 -35.95 -15.92 1.60
CA GLY B 369 -37.17 -16.50 2.11
C GLY B 369 -38.19 -16.76 1.00
N GLY B 370 -38.98 -17.80 1.20
CA GLY B 370 -39.96 -18.18 0.19
C GLY B 370 -40.58 -19.54 0.50
N LEU B 371 -41.06 -20.19 -0.56
CA LEU B 371 -41.66 -21.51 -0.41
C LEU B 371 -40.63 -22.53 0.07
N LEU B 372 -39.41 -22.47 -0.47
CA LEU B 372 -38.35 -23.37 -0.05
C LEU B 372 -37.04 -22.59 -0.14
N GLY B 373 -36.61 -22.03 1.00
CA GLY B 373 -35.39 -21.26 1.04
C GLY B 373 -34.92 -21.05 2.46
N ASP B 374 -33.64 -20.76 2.57
CA ASP B 374 -32.98 -20.51 3.86
C ASP B 374 -32.65 -19.03 4.00
N LEU B 375 -32.03 -18.69 5.13
CA LEU B 375 -31.66 -17.30 5.37
C LEU B 375 -30.52 -16.85 4.47
N ALA B 376 -29.64 -17.77 4.07
CA ALA B 376 -28.51 -17.42 3.22
C ALA B 376 -28.99 -17.04 1.83
N SER B 377 -28.36 -15.99 1.27
CA SER B 377 -28.72 -15.51 -0.06
C SER B 377 -27.55 -14.71 -0.62
N SER B 378 -27.77 -14.13 -1.80
CA SER B 378 -26.76 -13.34 -2.49
C SER B 378 -26.95 -11.86 -2.17
N ASP B 379 -26.25 -11.00 -2.90
CA ASP B 379 -26.29 -9.57 -2.65
C ASP B 379 -26.00 -8.82 -3.94
N VAL B 380 -26.45 -7.56 -3.98
CA VAL B 380 -26.25 -6.69 -5.12
C VAL B 380 -25.51 -5.44 -4.66
N ALA B 381 -24.45 -5.08 -5.38
CA ALA B 381 -23.58 -3.98 -5.00
C ALA B 381 -23.33 -3.07 -6.19
N VAL B 382 -23.09 -1.80 -5.90
CA VAL B 382 -22.92 -0.76 -6.91
C VAL B 382 -21.60 -0.05 -6.67
N GLU B 383 -20.81 0.13 -7.71
CA GLU B 383 -19.55 0.85 -7.61
C GLU B 383 -19.80 2.36 -7.62
N LEU B 384 -18.90 3.09 -6.98
CA LEU B 384 -18.94 4.55 -7.01
C LEU B 384 -17.54 5.11 -6.77
N PRO B 385 -16.90 5.67 -7.78
CA PRO B 385 -15.52 6.15 -7.61
C PRO B 385 -15.43 7.61 -7.19
N PHE B 386 -14.44 7.90 -6.35
CA PHE B 386 -14.19 9.24 -5.86
C PHE B 386 -12.72 9.38 -5.55
N THR B 387 -12.16 10.56 -5.78
CA THR B 387 -10.73 10.79 -5.65
C THR B 387 -10.46 11.55 -4.36
N LEU B 388 -10.19 10.78 -3.28
CA LEU B 388 -9.88 11.37 -1.99
C LEU B 388 -8.38 11.63 -1.94
N MET B 389 -7.99 12.90 -1.92
CA MET B 389 -6.60 13.28 -2.07
C MET B 389 -6.44 14.77 -1.76
N HIS B 390 -5.20 15.16 -1.49
CA HIS B 390 -4.89 16.40 -0.79
C HIS B 390 -5.25 17.64 -1.60
N PRO B 391 -5.47 18.78 -0.94
CA PRO B 391 -5.62 20.05 -1.66
C PRO B 391 -4.29 20.75 -1.88
N LYS B 392 -4.32 21.94 -2.48
CA LYS B 392 -3.11 22.68 -2.78
C LYS B 392 -3.06 23.95 -1.96
N PRO B 393 -1.98 24.19 -1.21
CA PRO B 393 -1.82 25.40 -0.41
C PRO B 393 -1.46 26.63 -1.23
N VAL C 22 -17.45 26.08 12.69
CA VAL C 22 -16.32 26.97 12.47
C VAL C 22 -15.75 27.46 13.80
N GLN C 23 -16.44 27.13 14.89
CA GLN C 23 -16.07 27.61 16.21
C GLN C 23 -16.16 26.46 17.20
N LEU C 24 -15.40 26.58 18.29
CA LEU C 24 -15.36 25.57 19.34
C LEU C 24 -15.73 26.20 20.67
N VAL C 25 -16.64 25.56 21.39
CA VAL C 25 -17.07 26.04 22.70
C VAL C 25 -16.29 25.31 23.78
N GLU C 26 -16.24 25.91 24.97
CA GLU C 26 -15.54 25.33 26.11
C GLU C 26 -16.47 25.29 27.30
N SER C 27 -16.40 24.21 28.08
CA SER C 27 -17.24 24.04 29.25
C SER C 27 -16.56 23.10 30.23
N GLY C 28 -17.04 23.12 31.46
CA GLY C 28 -16.50 22.30 32.52
C GLY C 28 -15.68 23.01 33.58
N GLY C 29 -15.81 24.33 33.70
CA GLY C 29 -15.05 25.05 34.70
C GLY C 29 -15.60 24.85 36.11
N GLY C 30 -14.79 25.24 37.08
CA GLY C 30 -15.18 25.12 38.47
C GLY C 30 -13.96 25.09 39.36
N LEU C 31 -14.23 24.91 40.65
CA LEU C 31 -13.19 24.80 41.67
C LEU C 31 -13.18 23.38 42.22
N VAL C 32 -12.02 22.74 42.16
CA VAL C 32 -11.84 21.36 42.60
C VAL C 32 -10.72 21.32 43.64
N GLN C 33 -10.99 20.67 44.76
CA GLN C 33 -9.98 20.51 45.78
C GLN C 33 -8.88 19.57 45.30
N PRO C 34 -7.71 19.62 45.92
CA PRO C 34 -6.60 18.74 45.51
C PRO C 34 -6.99 17.27 45.65
N GLY C 35 -6.52 16.47 44.70
CA GLY C 35 -6.87 15.06 44.64
C GLY C 35 -8.17 14.76 43.92
N GLY C 36 -8.90 15.78 43.46
CA GLY C 36 -10.13 15.58 42.75
C GLY C 36 -9.93 15.40 41.25
N SER C 37 -11.05 15.23 40.55
CA SER C 37 -11.03 15.04 39.11
C SER C 37 -12.17 15.84 38.48
N LEU C 38 -11.98 16.22 37.22
CA LEU C 38 -12.99 16.94 36.47
C LEU C 38 -12.83 16.61 35.00
N ARG C 39 -13.91 16.18 34.36
CA ARG C 39 -13.89 15.85 32.94
C ARG C 39 -14.35 17.06 32.12
N LEU C 40 -13.48 18.08 32.10
CA LEU C 40 -13.75 19.27 31.30
C LEU C 40 -13.72 18.92 29.83
N SER C 41 -14.70 19.42 29.09
CA SER C 41 -14.86 19.05 27.69
C SER C 41 -15.10 20.28 26.84
N CYS C 42 -14.65 20.22 25.58
CA CYS C 42 -14.88 21.27 24.62
C CYS C 42 -15.54 20.66 23.38
N ALA C 43 -16.53 21.36 22.84
CA ALA C 43 -17.29 20.90 21.70
C ALA C 43 -17.13 21.86 20.53
N ALA C 44 -16.94 21.32 19.34
CA ALA C 44 -16.69 22.11 18.15
C ALA C 44 -17.65 21.73 17.05
N SER C 45 -18.12 22.73 16.32
CA SER C 45 -18.96 22.55 15.13
C SER C 45 -18.26 23.15 13.93
N GLY C 46 -18.38 22.48 12.79
CA GLY C 46 -17.70 22.92 11.59
C GLY C 46 -16.26 22.49 11.47
N PHE C 47 -15.73 21.77 12.46
CA PHE C 47 -14.37 21.25 12.43
C PHE C 47 -14.46 19.72 12.49
N ASN C 48 -14.16 19.07 11.37
CA ASN C 48 -14.16 17.61 11.35
C ASN C 48 -13.09 17.08 12.29
N VAL C 49 -13.47 16.14 13.15
CA VAL C 49 -12.52 15.64 14.14
C VAL C 49 -11.44 14.80 13.45
N TYR C 50 -11.76 14.20 12.31
CA TYR C 50 -10.76 13.45 11.56
C TYR C 50 -9.94 14.32 10.61
N SER C 51 -10.13 15.63 10.65
CA SER C 51 -9.27 16.54 9.91
C SER C 51 -8.63 17.61 10.78
N SER C 52 -9.01 17.69 12.07
CA SER C 52 -8.47 18.67 12.98
C SER C 52 -8.06 17.96 14.27
N SER C 53 -6.86 18.26 14.76
CA SER C 53 -6.34 17.68 15.98
C SER C 53 -6.62 18.65 17.12
N ILE C 54 -7.61 18.33 17.96
CA ILE C 54 -8.03 19.23 19.02
C ILE C 54 -6.94 19.31 20.09
N HIS C 55 -6.54 20.52 20.43
CA HIS C 55 -5.47 20.76 21.39
C HIS C 55 -6.04 21.17 22.74
N TRP C 56 -5.14 21.50 23.67
CA TRP C 56 -5.52 21.83 25.03
C TRP C 56 -4.35 22.55 25.68
N VAL C 57 -4.58 23.78 26.16
CA VAL C 57 -3.53 24.61 26.71
C VAL C 57 -3.96 25.15 28.06
N ARG C 58 -2.96 25.52 28.87
CA ARG C 58 -3.18 26.06 30.20
C ARG C 58 -2.43 27.37 30.33
N GLN C 59 -3.14 28.42 30.73
CA GLN C 59 -2.54 29.71 31.06
C GLN C 59 -2.59 29.88 32.56
N ALA C 60 -1.42 29.94 33.19
CA ALA C 60 -1.37 30.11 34.64
C ALA C 60 -1.82 31.52 35.01
N PRO C 61 -2.32 31.70 36.23
CA PRO C 61 -2.82 33.01 36.65
C PRO C 61 -1.68 34.03 36.72
N GLY C 62 -1.73 35.02 35.84
CA GLY C 62 -0.67 36.02 35.76
C GLY C 62 0.67 35.45 35.34
N LYS C 63 0.67 34.51 34.39
CA LYS C 63 1.89 33.89 33.91
C LYS C 63 1.70 33.52 32.45
N GLY C 64 2.58 32.65 31.94
CA GLY C 64 2.55 32.28 30.55
C GLY C 64 1.70 31.06 30.26
N LEU C 65 1.12 31.03 29.06
CA LEU C 65 0.36 29.88 28.62
C LEU C 65 1.29 28.71 28.33
N GLU C 66 0.82 27.51 28.62
CA GLU C 66 1.61 26.31 28.42
C GLU C 66 0.73 25.20 27.86
N TRP C 67 1.21 24.54 26.82
CA TRP C 67 0.52 23.40 26.27
C TRP C 67 0.58 22.23 27.25
N VAL C 68 -0.54 21.51 27.39
CA VAL C 68 -0.65 20.40 28.33
C VAL C 68 -0.95 19.08 27.63
N ALA C 69 -1.89 19.07 26.68
CA ALA C 69 -2.27 17.82 26.04
C ALA C 69 -2.83 18.09 24.66
N SER C 70 -2.78 17.07 23.82
CA SER C 70 -3.32 17.15 22.47
C SER C 70 -3.64 15.75 21.98
N ILE C 71 -4.73 15.65 21.23
CA ILE C 71 -5.16 14.39 20.64
C ILE C 71 -5.40 14.60 19.15
N SER C 72 -4.81 13.75 18.33
CA SER C 72 -4.98 13.79 16.89
C SER C 72 -5.80 12.58 16.50
N SER C 73 -7.11 12.76 16.40
CA SER C 73 -8.03 11.63 16.24
C SER C 73 -7.80 10.88 14.95
N TYR C 74 -7.22 11.52 13.92
CA TYR C 74 -6.96 10.80 12.68
C TYR C 74 -5.97 9.66 12.91
N TYR C 75 -4.93 9.91 13.70
CA TYR C 75 -3.93 8.90 13.98
C TYR C 75 -4.24 8.08 15.22
N GLY C 76 -5.17 8.54 16.07
CA GLY C 76 -5.42 7.84 17.31
C GLY C 76 -4.31 7.98 18.32
N TYR C 77 -3.53 9.06 18.26
CA TYR C 77 -2.43 9.26 19.17
C TYR C 77 -2.87 10.13 20.35
N THR C 78 -1.98 10.23 21.35
CA THR C 78 -2.23 11.05 22.53
C THR C 78 -0.87 11.46 23.10
N TYR C 79 -0.48 12.70 22.86
CA TYR C 79 0.77 13.22 23.36
C TYR C 79 0.54 13.99 24.66
N TYR C 80 1.57 14.02 25.50
CA TYR C 80 1.48 14.68 26.80
C TYR C 80 2.69 15.54 27.04
N ALA C 81 2.82 16.09 28.25
CA ALA C 81 3.99 16.86 28.65
C ALA C 81 4.56 16.26 29.93
N ASP C 82 5.66 16.86 30.41
CA ASP C 82 6.34 16.33 31.59
C ASP C 82 5.46 16.38 32.83
N SER C 83 4.75 17.50 33.01
CA SER C 83 3.83 17.64 34.13
C SER C 83 2.46 17.04 33.84
N VAL C 84 2.26 16.51 32.64
CA VAL C 84 0.96 16.00 32.24
C VAL C 84 0.95 14.49 32.04
N LYS C 85 2.09 13.88 31.70
CA LYS C 85 2.12 12.45 31.40
C LYS C 85 1.82 11.65 32.66
N GLY C 86 0.79 10.82 32.60
CA GLY C 86 0.38 10.01 33.73
C GLY C 86 -0.50 10.72 34.74
N ARG C 87 -0.80 12.01 34.53
CA ARG C 87 -1.62 12.76 35.46
C ARG C 87 -3.08 12.81 35.03
N PHE C 88 -3.37 13.34 33.84
CA PHE C 88 -4.72 13.52 33.35
C PHE C 88 -4.93 12.71 32.08
N THR C 89 -6.20 12.50 31.74
CA THR C 89 -6.58 11.70 30.59
C THR C 89 -7.42 12.54 29.64
N ILE C 90 -7.11 12.46 28.35
CA ILE C 90 -7.79 13.22 27.31
C ILE C 90 -8.35 12.24 26.28
N SER C 91 -9.61 12.44 25.90
CA SER C 91 -10.24 11.58 24.91
C SER C 91 -11.26 12.40 24.12
N ALA C 92 -11.66 11.85 22.97
CA ALA C 92 -12.65 12.50 22.13
C ALA C 92 -13.44 11.44 21.40
N ASP C 93 -14.65 11.82 20.98
CA ASP C 93 -15.49 10.94 20.18
C ASP C 93 -15.93 11.67 18.92
N THR C 94 -15.98 10.92 17.82
CA THR C 94 -16.37 11.51 16.54
C THR C 94 -17.87 11.64 16.39
N SER C 95 -18.65 10.97 17.24
CA SER C 95 -20.10 11.03 17.13
C SER C 95 -20.63 12.41 17.48
N LYS C 96 -20.19 12.97 18.60
CA LYS C 96 -20.63 14.28 19.04
C LYS C 96 -19.67 15.40 18.67
N ASN C 97 -18.58 15.07 17.95
CA ASN C 97 -17.56 16.04 17.55
C ASN C 97 -17.01 16.79 18.75
N THR C 98 -16.80 16.06 19.85
CA THR C 98 -16.48 16.64 21.14
C THR C 98 -15.24 15.98 21.71
N ALA C 99 -14.42 16.75 22.42
CA ALA C 99 -13.25 16.26 23.10
C ALA C 99 -13.42 16.47 24.60
N TYR C 100 -13.25 15.41 25.38
CA TYR C 100 -13.41 15.45 26.82
C TYR C 100 -12.05 15.23 27.47
N LEU C 101 -11.64 16.17 28.33
CA LEU C 101 -10.36 16.09 29.04
C LEU C 101 -10.68 15.82 30.51
N GLN C 102 -10.27 14.64 30.99
CA GLN C 102 -10.48 14.26 32.38
C GLN C 102 -9.27 14.71 33.19
N MET C 103 -9.50 15.65 34.11
CA MET C 103 -8.42 16.19 34.94
C MET C 103 -8.29 15.42 36.25
N ASN C 104 -7.99 14.14 36.10
CA ASN C 104 -7.84 13.27 37.27
C ASN C 104 -6.57 13.60 38.03
N SER C 105 -6.63 13.47 39.36
CA SER C 105 -5.49 13.67 40.26
C SER C 105 -4.91 15.07 40.11
N LEU C 106 -5.75 16.06 40.32
CA LEU C 106 -5.32 17.45 40.25
C LEU C 106 -4.38 17.77 41.42
N ARG C 107 -3.40 18.62 41.15
CA ARG C 107 -2.42 19.05 42.15
C ARG C 107 -2.45 20.57 42.26
N ALA C 108 -1.51 21.10 43.04
CA ALA C 108 -1.43 22.55 43.23
C ALA C 108 -0.97 23.26 41.97
N GLU C 109 -0.09 22.63 41.19
CA GLU C 109 0.49 23.27 40.02
C GLU C 109 -0.46 23.29 38.81
N ASP C 110 -1.61 22.64 38.89
CA ASP C 110 -2.53 22.55 37.77
C ASP C 110 -3.53 23.70 37.72
N THR C 111 -3.43 24.67 38.62
CA THR C 111 -4.37 25.79 38.67
C THR C 111 -4.12 26.71 37.47
N ALA C 112 -5.04 26.66 36.51
CA ALA C 112 -4.91 27.47 35.29
C ALA C 112 -6.27 27.54 34.60
N VAL C 113 -6.33 28.36 33.56
CA VAL C 113 -7.50 28.46 32.69
C VAL C 113 -7.20 27.68 31.42
N TYR C 114 -8.14 26.84 31.00
CA TYR C 114 -7.93 25.89 29.92
C TYR C 114 -8.68 26.36 28.67
N TYR C 115 -7.96 26.52 27.57
CA TYR C 115 -8.54 26.92 26.29
C TYR C 115 -8.47 25.75 25.32
N CYS C 116 -9.57 25.47 24.64
CA CYS C 116 -9.64 24.39 23.67
C CYS C 116 -9.34 24.96 22.29
N ALA C 117 -8.28 24.46 21.65
CA ALA C 117 -7.79 25.02 20.40
C ALA C 117 -7.74 23.95 19.32
N ARG C 118 -8.01 24.36 18.10
CA ARG C 118 -8.05 23.47 16.95
C ARG C 118 -6.92 23.81 15.99
N SER C 119 -6.22 22.79 15.52
CA SER C 119 -5.20 22.94 14.50
C SER C 119 -5.48 21.96 13.37
N ARG C 120 -5.05 22.32 12.16
CA ARG C 120 -5.22 21.46 11.02
C ARG C 120 -4.43 20.18 11.23
N GLN C 121 -5.12 19.04 11.38
CA GLN C 121 -4.48 17.80 11.75
C GLN C 121 -3.49 17.32 10.70
N PHE C 122 -3.56 17.85 9.49
CA PHE C 122 -2.60 17.58 8.44
C PHE C 122 -1.82 18.84 8.16
N TRP C 123 -0.49 18.73 8.23
CA TRP C 123 0.43 19.84 7.98
C TRP C 123 0.13 21.00 8.94
N TYR C 124 0.44 20.73 10.20
CA TYR C 124 0.29 21.66 11.32
C TYR C 124 0.63 23.08 10.91
N SER C 125 -0.28 24.00 11.18
CA SER C 125 -0.14 25.40 10.78
C SER C 125 -0.57 26.31 11.91
N GLY C 126 -0.13 26.01 13.12
CA GLY C 126 -0.51 26.79 14.28
C GLY C 126 -1.93 26.49 14.71
N LEU C 127 -2.35 27.20 15.75
CA LEU C 127 -3.68 27.01 16.34
C LEU C 127 -4.64 28.01 15.70
N ASP C 128 -5.56 27.51 14.88
CA ASP C 128 -6.43 28.40 14.12
C ASP C 128 -7.56 28.95 14.98
N TYR C 129 -8.42 28.07 15.50
CA TYR C 129 -9.59 28.47 16.25
C TYR C 129 -9.43 28.07 17.72
N TRP C 130 -9.92 28.93 18.61
CA TRP C 130 -9.79 28.72 20.05
C TRP C 130 -11.17 28.75 20.70
N GLY C 131 -11.19 28.71 22.03
CA GLY C 131 -12.43 28.70 22.78
C GLY C 131 -12.44 29.79 23.83
N GLN C 132 -13.61 29.95 24.46
CA GLN C 132 -13.76 30.96 25.50
C GLN C 132 -12.87 30.68 26.70
N GLY C 133 -12.75 29.42 27.09
CA GLY C 133 -11.86 29.05 28.16
C GLY C 133 -12.60 28.85 29.48
N THR C 134 -12.08 27.93 30.30
CA THR C 134 -12.64 27.64 31.61
C THR C 134 -11.54 27.73 32.65
N LEU C 135 -11.81 28.45 33.73
CA LEU C 135 -10.83 28.66 34.80
C LEU C 135 -10.90 27.52 35.80
N VAL C 136 -9.76 26.89 36.07
CA VAL C 136 -9.65 25.80 37.02
C VAL C 136 -8.70 26.23 38.13
N THR C 137 -9.14 26.07 39.38
CA THR C 137 -8.34 26.42 40.54
C THR C 137 -8.38 25.27 41.55
N VAL C 138 -7.32 25.18 42.34
CA VAL C 138 -7.15 24.12 43.33
C VAL C 138 -7.02 24.76 44.71
N SER C 139 -7.78 24.24 45.68
CA SER C 139 -7.75 24.74 47.04
C SER C 139 -7.81 23.55 47.99
N SER C 140 -8.05 23.83 49.27
CA SER C 140 -8.13 22.79 50.27
C SER C 140 -9.45 22.03 50.17
N SER C 156 14.82 16.27 24.09
CA SER C 156 14.31 16.46 25.45
C SER C 156 13.49 17.74 25.53
N ASP C 157 13.38 18.29 26.75
CA ASP C 157 12.64 19.52 26.95
C ASP C 157 13.38 20.70 26.34
N ILE C 158 12.68 21.50 25.56
CA ILE C 158 13.23 22.72 24.98
C ILE C 158 12.38 23.89 25.40
N GLN C 159 12.98 25.08 25.43
CA GLN C 159 12.31 26.27 25.95
C GLN C 159 12.70 27.46 25.08
N MET C 160 11.73 28.00 24.35
CA MET C 160 11.95 29.22 23.61
C MET C 160 12.01 30.41 24.56
N THR C 161 12.82 31.41 24.22
CA THR C 161 13.01 32.60 25.03
C THR C 161 12.58 33.82 24.23
N GLN C 162 11.71 34.65 24.81
CA GLN C 162 11.17 35.81 24.14
C GLN C 162 11.69 37.08 24.82
N SER C 163 12.15 38.02 24.01
CA SER C 163 12.65 39.30 24.48
C SER C 163 12.14 40.40 23.55
N PRO C 164 11.79 41.58 24.08
CA PRO C 164 11.83 42.00 25.49
C PRO C 164 10.67 41.45 26.32
N SER C 165 10.85 41.34 27.64
CA SER C 165 9.78 40.84 28.49
C SER C 165 8.61 41.81 28.55
N SER C 166 8.89 43.12 28.62
CA SER C 166 7.86 44.13 28.65
C SER C 166 8.30 45.31 27.79
N LEU C 167 7.32 46.06 27.29
CA LEU C 167 7.61 47.18 26.40
C LEU C 167 6.42 48.13 26.40
N SER C 168 6.70 49.42 26.31
CA SER C 168 5.68 50.45 26.18
C SER C 168 6.00 51.29 24.95
N ALA C 169 5.05 51.37 24.02
CA ALA C 169 5.26 52.10 22.78
C ALA C 169 3.98 52.79 22.36
N SER C 170 4.12 53.84 21.57
CA SER C 170 2.99 54.61 21.07
C SER C 170 2.72 54.25 19.62
N VAL C 171 1.80 54.98 18.99
CA VAL C 171 1.44 54.73 17.60
C VAL C 171 2.58 55.17 16.69
N GLY C 172 2.91 54.33 15.72
CA GLY C 172 3.94 54.63 14.76
C GLY C 172 5.35 54.31 15.18
N ASP C 173 5.53 53.65 16.32
CA ASP C 173 6.85 53.28 16.81
C ASP C 173 7.21 51.88 16.31
N ARG C 174 8.33 51.77 15.59
CA ARG C 174 8.79 50.48 15.07
C ARG C 174 9.29 49.62 16.23
N VAL C 175 8.58 48.53 16.49
CA VAL C 175 8.90 47.63 17.59
C VAL C 175 9.08 46.22 17.04
N THR C 176 10.16 45.57 17.46
CA THR C 176 10.46 44.20 17.09
C THR C 176 10.64 43.38 18.36
N ILE C 177 9.95 42.23 18.43
CA ILE C 177 10.05 41.31 19.55
C ILE C 177 10.74 40.05 19.06
N THR C 178 11.79 39.64 19.76
CA THR C 178 12.62 38.52 19.35
C THR C 178 12.31 37.29 20.21
N CYS C 179 12.02 36.18 19.55
CA CYS C 179 11.84 34.90 20.22
C CYS C 179 13.05 34.04 19.90
N ARG C 180 13.95 33.89 20.86
CA ARG C 180 15.19 33.15 20.67
C ARG C 180 15.01 31.73 21.17
N ALA C 181 15.24 30.77 20.28
CA ALA C 181 15.03 29.35 20.59
C ALA C 181 16.35 28.72 20.99
N SER C 182 16.32 27.96 22.10
CA SER C 182 17.53 27.30 22.56
C SER C 182 18.01 26.25 21.56
N GLN C 183 17.08 25.51 20.96
CA GLN C 183 17.41 24.48 19.98
C GLN C 183 16.75 24.88 18.67
N SER C 184 17.52 24.81 17.59
CA SER C 184 17.08 25.40 16.32
C SER C 184 15.95 24.58 15.71
N VAL C 185 14.78 25.19 15.59
CA VAL C 185 13.63 24.55 15.00
C VAL C 185 13.66 24.79 13.49
N SER C 186 12.88 24.00 12.76
CA SER C 186 12.92 24.02 11.29
C SER C 186 11.94 25.05 10.73
N SER C 187 12.17 26.31 11.11
CA SER C 187 11.50 27.46 10.50
C SER C 187 9.99 27.39 10.64
N ALA C 188 9.50 26.71 11.68
CA ALA C 188 8.08 26.49 11.87
C ALA C 188 7.68 27.09 13.21
N VAL C 189 7.36 28.38 13.20
CA VAL C 189 6.97 29.10 14.41
C VAL C 189 5.72 29.91 14.13
N ALA C 190 5.01 30.25 15.20
CA ALA C 190 3.78 31.01 15.12
C ALA C 190 3.77 32.09 16.19
N TRP C 191 3.04 33.16 15.93
CA TRP C 191 2.91 34.28 16.86
C TRP C 191 1.44 34.50 17.18
N TYR C 192 1.14 34.77 18.45
CA TYR C 192 -0.22 34.97 18.91
C TYR C 192 -0.32 36.29 19.66
N GLN C 193 -1.38 37.04 19.39
CA GLN C 193 -1.62 38.35 20.00
C GLN C 193 -2.79 38.18 20.97
N GLN C 194 -2.48 37.87 22.22
CA GLN C 194 -3.49 37.61 23.24
C GLN C 194 -3.82 38.90 23.96
N LYS C 195 -5.02 39.43 23.72
CA LYS C 195 -5.52 40.53 24.52
C LYS C 195 -5.96 40.02 25.89
N PRO C 196 -6.06 40.91 26.88
CA PRO C 196 -6.53 40.47 28.21
C PRO C 196 -7.95 39.93 28.14
N GLY C 197 -8.19 38.83 28.84
CA GLY C 197 -9.50 38.21 28.87
C GLY C 197 -9.79 37.29 27.70
N LYS C 198 -9.79 37.84 26.49
CA LYS C 198 -10.14 37.06 25.31
C LYS C 198 -9.04 36.06 24.96
N ALA C 199 -9.44 35.00 24.27
CA ALA C 199 -8.50 33.96 23.88
C ALA C 199 -7.54 34.47 22.81
N PRO C 200 -6.31 33.96 22.80
CA PRO C 200 -5.36 34.37 21.77
C PRO C 200 -5.78 33.89 20.39
N LYS C 201 -5.41 34.68 19.38
CA LYS C 201 -5.66 34.35 17.99
C LYS C 201 -4.34 34.19 17.25
N LEU C 202 -4.42 33.59 16.07
CA LEU C 202 -3.25 33.31 15.25
C LEU C 202 -3.08 34.40 14.20
N LEU C 203 -1.84 34.89 14.06
CA LEU C 203 -1.50 35.85 13.02
C LEU C 203 -0.48 35.33 12.03
N ILE C 204 0.54 34.62 12.48
CA ILE C 204 1.62 34.16 11.62
C ILE C 204 1.84 32.67 11.85
N TYR C 205 2.31 31.99 10.81
CA TYR C 205 2.74 30.60 10.93
C TYR C 205 3.93 30.39 10.01
N SER C 206 4.91 29.64 10.51
CA SER C 206 6.21 29.43 9.85
C SER C 206 6.96 30.74 9.63
N ALA C 207 6.57 31.80 10.34
CA ALA C 207 7.21 33.11 10.31
C ALA C 207 7.22 33.73 8.93
N SER C 208 6.42 33.24 8.00
CA SER C 208 6.41 33.76 6.64
C SER C 208 5.06 34.29 6.20
N SER C 209 3.99 33.52 6.39
CA SER C 209 2.69 33.85 5.84
C SER C 209 1.71 34.24 6.95
N LEU C 210 0.88 35.24 6.67
CA LEU C 210 -0.13 35.69 7.60
C LEU C 210 -1.44 34.97 7.35
N TYR C 211 -2.13 34.61 8.42
CA TYR C 211 -3.40 33.91 8.31
C TYR C 211 -4.46 34.81 7.67
N SER C 212 -5.33 34.18 6.89
CA SER C 212 -6.38 34.92 6.18
C SER C 212 -7.39 35.46 7.18
N GLY C 213 -7.43 36.78 7.32
CA GLY C 213 -8.33 37.42 8.26
C GLY C 213 -7.64 38.48 9.10
N VAL C 214 -6.33 38.62 8.94
CA VAL C 214 -5.56 39.61 9.68
C VAL C 214 -5.15 40.72 8.71
N PRO C 215 -4.91 41.94 9.19
CA PRO C 215 -4.43 43.00 8.30
C PRO C 215 -3.04 42.68 7.76
N SER C 216 -2.77 43.20 6.56
CA SER C 216 -1.53 42.90 5.85
C SER C 216 -0.31 43.55 6.47
N ARG C 217 -0.49 44.45 7.46
CA ARG C 217 0.64 45.12 8.06
C ARG C 217 1.53 44.16 8.85
N PHE C 218 0.94 43.11 9.43
CA PHE C 218 1.72 42.15 10.20
C PHE C 218 2.71 41.41 9.31
N SER C 219 3.89 41.10 9.88
CA SER C 219 4.94 40.44 9.14
C SER C 219 5.68 39.49 10.08
N GLY C 220 6.84 39.00 9.63
CA GLY C 220 7.65 38.11 10.44
C GLY C 220 8.88 37.71 9.66
N SER C 221 9.86 37.19 10.38
CA SER C 221 11.13 36.81 9.76
C SER C 221 11.84 35.77 10.62
N ARG C 222 12.77 35.06 9.99
CA ARG C 222 13.60 34.07 10.65
C ARG C 222 15.06 34.50 10.54
N SER C 223 15.79 34.44 11.65
CA SER C 223 17.23 34.71 11.66
C SER C 223 17.89 33.63 12.53
N GLY C 224 18.27 32.52 11.91
CA GLY C 224 18.88 31.44 12.65
C GLY C 224 17.90 30.86 13.65
N THR C 225 18.34 30.80 14.91
CA THR C 225 17.47 30.37 16.01
C THR C 225 16.71 31.53 16.63
N ASP C 226 16.87 32.75 16.12
CA ASP C 226 16.18 33.93 16.63
C ASP C 226 15.03 34.29 15.70
N PHE C 227 13.84 34.43 16.27
CA PHE C 227 12.62 34.69 15.50
C PHE C 227 12.07 36.05 15.91
N THR C 228 11.80 36.89 14.92
CA THR C 228 11.40 38.27 15.17
C THR C 228 10.26 38.66 14.25
N LEU C 229 9.21 39.26 14.81
CA LEU C 229 8.15 39.88 14.05
C LEU C 229 8.14 41.38 14.30
N THR C 230 7.68 42.14 13.31
CA THR C 230 7.75 43.59 13.33
C THR C 230 6.36 44.17 13.57
N ILE C 231 6.25 45.08 14.52
CA ILE C 231 5.03 45.86 14.75
C ILE C 231 5.46 47.32 14.81
N SER C 232 5.13 48.08 13.75
CA SER C 232 5.49 49.48 13.66
C SER C 232 4.29 50.39 13.85
N SER C 233 3.24 50.20 13.05
CA SER C 233 2.03 51.00 13.17
C SER C 233 1.16 50.40 14.28
N LEU C 234 1.54 50.71 15.52
CA LEU C 234 0.86 50.16 16.68
C LEU C 234 -0.49 50.82 16.90
N GLN C 235 -1.54 50.22 16.32
CA GLN C 235 -2.89 50.75 16.48
C GLN C 235 -3.39 50.50 17.89
N PRO C 236 -4.44 51.21 18.30
CA PRO C 236 -5.01 50.96 19.65
C PRO C 236 -5.52 49.54 19.83
N GLU C 237 -6.07 48.92 18.79
CA GLU C 237 -6.57 47.56 18.91
C GLU C 237 -5.44 46.54 18.96
N ASP C 238 -4.31 46.82 18.33
CA ASP C 238 -3.22 45.86 18.25
C ASP C 238 -2.38 45.80 19.53
N PHE C 239 -2.60 46.70 20.47
CA PHE C 239 -1.82 46.72 21.70
C PHE C 239 -2.25 45.57 22.60
N ALA C 240 -1.51 44.47 22.55
CA ALA C 240 -1.83 43.29 23.34
C ALA C 240 -0.56 42.47 23.52
N THR C 241 -0.62 41.53 24.47
CA THR C 241 0.52 40.66 24.73
C THR C 241 0.75 39.72 23.55
N TYR C 242 2.02 39.50 23.22
CA TYR C 242 2.42 38.64 22.13
C TYR C 242 3.17 37.42 22.66
N TYR C 243 3.05 36.31 21.93
CA TYR C 243 3.62 35.04 22.37
C TYR C 243 4.14 34.28 21.17
N CYS C 244 5.28 33.63 21.33
CA CYS C 244 5.90 32.85 20.26
C CYS C 244 5.74 31.37 20.55
N GLN C 245 5.44 30.61 19.50
CA GLN C 245 5.22 29.18 19.56
C GLN C 245 6.15 28.52 18.56
N GLN C 246 6.66 27.34 18.90
CA GLN C 246 7.47 26.54 17.97
C GLN C 246 6.84 25.16 17.85
N TYR C 247 6.31 24.86 16.68
CA TYR C 247 5.67 23.56 16.42
C TYR C 247 6.61 22.65 15.64
N LYS C 248 7.71 22.27 16.28
CA LYS C 248 8.69 21.41 15.63
C LYS C 248 8.75 20.03 16.26
N TYR C 249 8.99 19.93 17.56
CA TYR C 249 9.16 18.65 18.22
C TYR C 249 7.95 18.37 19.10
N VAL C 250 8.00 17.22 19.78
CA VAL C 250 6.98 16.86 20.76
C VAL C 250 7.18 17.76 21.99
N PRO C 251 6.29 17.69 22.99
CA PRO C 251 6.25 18.70 24.05
C PRO C 251 6.34 20.11 23.50
N VAL C 252 5.47 20.40 22.53
CA VAL C 252 5.39 21.73 21.93
C VAL C 252 5.04 22.74 23.00
N THR C 253 5.81 23.83 23.07
CA THR C 253 5.68 24.78 24.16
C THR C 253 5.86 26.21 23.68
N PHE C 254 5.23 27.13 24.40
CA PHE C 254 5.37 28.56 24.16
C PHE C 254 6.72 29.06 24.63
N GLY C 255 6.92 30.37 24.55
CA GLY C 255 8.15 30.98 25.02
C GLY C 255 8.03 31.51 26.44
N GLN C 256 8.57 32.71 26.67
CA GLN C 256 8.52 33.34 27.98
C GLN C 256 7.40 34.37 28.09
N GLY C 257 7.18 35.16 27.06
CA GLY C 257 6.07 36.10 27.05
C GLY C 257 6.52 37.55 26.97
N THR C 258 5.79 38.33 26.20
CA THR C 258 6.03 39.76 26.09
C THR C 258 4.71 40.50 26.22
N LYS C 259 4.80 41.78 26.54
CA LYS C 259 3.64 42.64 26.70
C LYS C 259 3.86 43.93 25.92
N VAL C 260 2.75 44.50 25.44
CA VAL C 260 2.76 45.75 24.70
C VAL C 260 1.91 46.75 25.45
N GLU C 261 2.50 47.90 25.78
CA GLU C 261 1.79 48.96 26.50
C GLU C 261 1.97 50.28 25.78
N ILE C 262 1.52 51.37 26.41
CA ILE C 262 1.61 52.71 25.84
C ILE C 262 2.65 53.50 26.62
N LYS C 263 3.61 54.08 25.89
CA LYS C 263 4.67 54.87 26.52
C LYS C 263 4.13 56.20 27.02
N1 EN6 D . 8.82 -51.62 -13.55
N3 EN6 D . 9.65 -55.31 -11.08
C4 EN6 D . 7.60 -49.97 -17.08
C5 EN6 D . 7.23 -49.39 -15.84
C6 EN6 D . 7.65 -49.96 -14.68
C7 EN6 D . 6.42 -48.23 -15.72
C8 EN6 D . 6.17 -47.84 -14.43
C10 EN6 D . 6.22 -45.48 -13.58
C13 EN6 D . 7.81 -43.32 -12.88
C15 EN6 D . 6.08 -44.88 -12.35
C17 EN6 D . 8.39 -52.76 -13.04
C20 EN6 D . 10.75 -51.56 -10.43
C21 EN6 D . 7.38 -53.70 -13.72
C22 EN6 D . 8.89 -54.09 -10.85
C24 EN6 D . 9.92 -56.29 -13.31
C1 EN6 D . 8.44 -51.10 -14.70
C2 EN6 D . 8.83 -51.66 -15.92
C3 EN6 D . 8.40 -51.10 -17.11
S1 EN6 D . 6.98 -48.98 -13.41
C9 EN6 D . 5.33 -46.66 -13.96
C11 EN6 D . 7.17 -45.00 -14.47
C12 EN6 D . 7.96 -43.93 -14.12
C14 EN6 D . 6.88 -43.80 -11.99
C16 EN6 D . 6.72 -43.15 -10.62
F1 EN6 D . 7.88 -43.29 -9.93
F2 EN6 D . 5.71 -43.76 -9.94
F3 EN6 D . 6.43 -41.83 -10.77
C18 EN6 D . 9.04 -52.93 -11.82
C19 EN6 D . 9.85 -51.83 -11.64
N2 EN6 D . 9.71 -51.04 -12.68
O1 EN6 D . 7.13 -54.86 -12.97
O2 EN6 D . 8.16 -53.99 -9.92
C23 EN6 D . 10.54 -55.40 -12.23
O3 EN6 D . 10.77 -56.28 -14.43
#